data_6CGQ
#
_entry.id   6CGQ
#
_cell.length_a   49.787
_cell.length_b   127.933
_cell.length_c   237.074
_cell.angle_alpha   90.00
_cell.angle_beta   90.00
_cell.angle_gamma   90.00
#
_symmetry.space_group_name_H-M   'C 2 2 21'
#
loop_
_entity.id
_entity.type
_entity.pdbx_description
1 polymer 'Threonine synthase'
2 non-polymer "PYRIDOXAL-5'-PHOSPHATE"
3 non-polymer 'PHOSPHATE ION'
4 non-polymer (E)-N-({3-hydroxy-2-methyl-5-[(phosphonooxy)methyl]pyridin-4-yl}methylidene)-L-alanine
5 water water
#
_entity_poly.entity_id   1
_entity_poly.type   'polypeptide(L)'
_entity_poly.pdbx_seq_one_letter_code
;MASWKGLIHQYKEFLPVTDQTPALTLHEGNTPLIHLPKLSEQLGIELHVKTEGVNPTGSFKDRGMVMAVAKAKEEGNDTI
MCASTGNTSAAAAAYAARANMKCIVIIPNGKIAFGKLAQAVMYGAEIIAIDGNFDDALKIVRSICEKSPIALVNSVNPYR
LEGQKTAAFEVCEQLGEAPDVLAIPVGNAGNISAYWKGFKEYHEKNGTSLPKMRGFEAEGSAAIVRNEVIENPETIATAI
RIGNPASWDKAVKAAEESNGKIDEVTDDEILHAYQLIAREEGVFAEPGSCASIAGVLKQVKSGEIPKGSKVVAVLTGNGL
KDPNTAVDISEIKPVTLPTNEDSILEYVKGAARV
;
_entity_poly.pdbx_strand_id   A,B
#
# COMPACT_ATOMS: atom_id res chain seq x y z
N GLY A 6 -1.19 -37.67 -13.45
CA GLY A 6 0.10 -37.43 -12.83
C GLY A 6 0.81 -36.14 -13.26
N LEU A 7 1.08 -35.28 -12.27
CA LEU A 7 1.70 -33.98 -12.52
C LEU A 7 2.97 -34.08 -13.37
N ILE A 8 3.88 -35.01 -13.02
CA ILE A 8 5.12 -35.22 -13.77
C ILE A 8 4.83 -35.52 -15.22
N HIS A 9 3.87 -36.40 -15.47
CA HIS A 9 3.46 -36.72 -16.83
C HIS A 9 2.83 -35.50 -17.52
N GLN A 10 1.89 -34.83 -16.85
CA GLN A 10 1.21 -33.69 -17.45
C GLN A 10 2.18 -32.62 -17.93
N TYR A 11 3.22 -32.31 -17.14
CA TYR A 11 4.06 -31.15 -17.42
C TYR A 11 5.52 -31.52 -17.69
N LYS A 12 5.78 -32.67 -18.29
CA LYS A 12 7.16 -33.13 -18.41
C LYS A 12 8.01 -32.20 -19.26
N GLU A 13 7.39 -31.50 -20.21
CA GLU A 13 8.11 -30.55 -21.06
C GLU A 13 8.71 -29.40 -20.28
N PHE A 14 8.22 -29.15 -19.06
CA PHE A 14 8.76 -28.10 -18.20
C PHE A 14 9.61 -28.66 -17.07
N LEU A 15 9.83 -29.97 -17.03
CA LEU A 15 10.36 -30.60 -15.83
C LEU A 15 11.58 -31.45 -16.17
N PRO A 16 12.50 -31.59 -15.21
CA PRO A 16 13.71 -32.38 -15.47
C PRO A 16 13.41 -33.86 -15.50
N VAL A 17 12.57 -34.26 -16.44
CA VAL A 17 12.09 -35.63 -16.59
C VAL A 17 12.90 -36.27 -17.70
N THR A 18 13.39 -37.47 -17.47
CA THR A 18 14.15 -38.19 -18.48
C THR A 18 13.42 -39.49 -18.76
N ASP A 19 13.98 -40.29 -19.68
CA ASP A 19 13.39 -41.61 -19.91
C ASP A 19 13.62 -42.57 -18.75
N GLN A 20 14.48 -42.21 -17.79
CA GLN A 20 14.72 -43.00 -16.59
C GLN A 20 13.88 -42.57 -15.40
N THR A 21 13.13 -41.49 -15.51
CA THR A 21 12.32 -41.06 -14.37
C THR A 21 11.16 -42.02 -14.16
N PRO A 22 10.99 -42.59 -12.96
CA PRO A 22 9.82 -43.44 -12.71
C PRO A 22 8.55 -42.63 -12.80
N ALA A 23 7.46 -43.31 -13.15
CA ALA A 23 6.15 -42.67 -13.24
C ALA A 23 5.50 -42.63 -11.85
N LEU A 24 6.09 -41.84 -10.97
CA LEU A 24 5.58 -41.67 -9.62
C LEU A 24 4.40 -40.69 -9.59
N THR A 25 3.28 -41.11 -9.00
CA THR A 25 2.16 -40.18 -8.84
C THR A 25 1.19 -40.71 -7.78
N LEU A 26 0.66 -39.78 -6.98
CA LEU A 26 -0.55 -40.00 -6.19
C LEU A 26 -1.71 -39.18 -6.73
N HIS A 27 -1.60 -38.78 -8.00
CA HIS A 27 -2.58 -37.96 -8.73
C HIS A 27 -2.71 -36.56 -8.16
N GLU A 28 -1.62 -36.06 -7.58
CA GLU A 28 -1.54 -34.67 -7.14
C GLU A 28 -1.74 -33.70 -8.32
N GLY A 29 -2.02 -32.46 -7.99
CA GLY A 29 -2.17 -31.46 -9.01
C GLY A 29 -3.56 -31.48 -9.59
N ASN A 30 -3.71 -30.66 -10.64
CA ASN A 30 -5.01 -30.43 -11.27
C ASN A 30 -6.06 -30.10 -10.22
N THR A 31 -5.68 -29.25 -9.27
CA THR A 31 -6.59 -28.96 -8.18
C THR A 31 -7.58 -27.87 -8.60
N PRO A 32 -8.77 -27.85 -8.01
CA PRO A 32 -9.80 -26.90 -8.46
C PRO A 32 -9.35 -25.44 -8.33
N LEU A 33 -9.79 -24.65 -9.28
CA LEU A 33 -9.71 -23.19 -9.25
C LEU A 33 -11.15 -22.70 -9.15
N ILE A 34 -11.55 -22.20 -7.99
CA ILE A 34 -12.95 -22.00 -7.67
C ILE A 34 -13.24 -20.50 -7.64
N HIS A 35 -14.16 -20.05 -8.49
CA HIS A 35 -14.62 -18.68 -8.42
C HIS A 35 -15.40 -18.46 -7.12
N LEU A 36 -15.16 -17.33 -6.48
CA LEU A 36 -15.90 -16.98 -5.27
C LEU A 36 -16.87 -15.84 -5.56
N PRO A 37 -18.06 -16.11 -6.10
CA PRO A 37 -18.91 -15.02 -6.61
C PRO A 37 -19.37 -14.07 -5.52
N LYS A 38 -19.60 -14.56 -4.30
CA LYS A 38 -20.11 -13.68 -3.26
C LYS A 38 -19.03 -12.74 -2.77
N LEU A 39 -17.86 -13.29 -2.41
CA LEU A 39 -16.74 -12.43 -2.02
C LEU A 39 -16.34 -11.51 -3.16
N SER A 40 -16.40 -12.00 -4.40
CA SER A 40 -16.07 -11.18 -5.56
C SER A 40 -16.96 -9.96 -5.63
N GLU A 41 -18.27 -10.17 -5.48
CA GLU A 41 -19.20 -9.06 -5.52
C GLU A 41 -18.88 -8.06 -4.41
N GLN A 42 -18.61 -8.54 -3.21
CA GLN A 42 -18.38 -7.66 -2.07
C GLN A 42 -17.12 -6.81 -2.24
N LEU A 43 -16.07 -7.37 -2.86
CA LEU A 43 -14.79 -6.69 -3.00
C LEU A 43 -14.68 -5.87 -4.26
N GLY A 44 -15.47 -6.17 -5.29
CA GLY A 44 -15.32 -5.49 -6.55
C GLY A 44 -14.23 -6.04 -7.44
N ILE A 45 -13.87 -7.31 -7.25
CA ILE A 45 -12.89 -7.98 -8.09
C ILE A 45 -13.44 -9.34 -8.51
N GLU A 46 -12.75 -10.00 -9.43
CA GLU A 46 -13.04 -11.38 -9.79
C GLU A 46 -12.04 -12.27 -9.04
N LEU A 47 -12.50 -12.86 -7.94
CA LEU A 47 -11.64 -13.58 -7.01
C LEU A 47 -11.86 -15.08 -7.16
N HIS A 48 -10.80 -15.81 -7.50
CA HIS A 48 -10.77 -17.25 -7.55
C HIS A 48 -9.79 -17.77 -6.50
N VAL A 49 -10.03 -18.99 -6.00
CA VAL A 49 -9.09 -19.62 -5.09
C VAL A 49 -8.60 -20.94 -5.70
N LYS A 50 -7.30 -21.16 -5.61
CA LYS A 50 -6.68 -22.42 -5.99
C LYS A 50 -6.61 -23.28 -4.74
N THR A 51 -7.40 -24.35 -4.69
CA THR A 51 -7.61 -25.10 -3.43
C THR A 51 -6.65 -26.27 -3.38
N GLU A 52 -5.44 -26.02 -2.88
CA GLU A 52 -4.39 -27.02 -2.83
C GLU A 52 -4.57 -28.05 -1.73
N GLY A 53 -5.56 -27.85 -0.86
CA GLY A 53 -5.82 -28.82 0.18
C GLY A 53 -6.32 -30.16 -0.34
N VAL A 54 -6.76 -30.23 -1.60
CA VAL A 54 -7.22 -31.51 -2.16
C VAL A 54 -6.08 -32.37 -2.67
N ASN A 55 -4.84 -31.88 -2.66
CA ASN A 55 -3.70 -32.72 -2.96
C ASN A 55 -3.64 -33.91 -2.00
N PRO A 56 -2.97 -35.00 -2.40
CA PRO A 56 -3.01 -36.25 -1.60
C PRO A 56 -2.79 -36.13 -0.10
N THR A 57 -1.74 -35.45 0.33
CA THR A 57 -1.53 -35.32 1.77
C THR A 57 -2.15 -34.07 2.36
N GLY A 58 -2.83 -33.25 1.55
CA GLY A 58 -3.53 -32.10 2.04
C GLY A 58 -2.77 -30.80 1.97
N SER A 59 -1.68 -30.73 1.19
CA SER A 59 -0.89 -29.51 1.08
C SER A 59 -0.32 -29.43 -0.34
N PHE A 60 -0.06 -28.19 -0.79
CA PHE A 60 0.63 -27.99 -2.07
C PHE A 60 2.01 -28.63 -2.11
N LYS A 61 2.56 -28.91 -0.94
CA LYS A 61 3.89 -29.51 -0.84
C LYS A 61 3.99 -30.76 -1.71
N ASP A 62 2.89 -31.47 -1.85
CA ASP A 62 2.88 -32.69 -2.67
C ASP A 62 3.44 -32.45 -4.08
N ARG A 63 3.21 -31.26 -4.65
CA ARG A 63 3.73 -30.95 -5.98
C ARG A 63 5.23 -31.10 -6.01
N GLY A 64 5.91 -30.52 -5.03
CA GLY A 64 7.36 -30.56 -5.01
C GLY A 64 7.89 -31.91 -4.61
N MET A 65 7.17 -32.61 -3.73
CA MET A 65 7.66 -33.88 -3.23
C MET A 65 7.56 -34.97 -4.28
N VAL A 66 6.51 -34.95 -5.10
CA VAL A 66 6.41 -35.98 -6.14
C VAL A 66 7.58 -35.85 -7.11
N MET A 67 8.02 -34.61 -7.38
CA MET A 67 9.17 -34.40 -8.27
C MET A 67 10.47 -34.81 -7.59
N ALA A 68 10.67 -34.38 -6.34
CA ALA A 68 11.91 -34.69 -5.64
C ALA A 68 12.05 -36.19 -5.40
N VAL A 69 10.96 -36.87 -5.04
CA VAL A 69 11.06 -38.30 -4.79
C VAL A 69 11.24 -39.07 -6.09
N ALA A 70 10.55 -38.65 -7.15
CA ALA A 70 10.77 -39.31 -8.43
C ALA A 70 12.24 -39.22 -8.84
N LYS A 71 12.84 -38.05 -8.70
CA LYS A 71 14.26 -37.90 -9.02
C LYS A 71 15.12 -38.72 -8.06
N ALA A 72 14.82 -38.66 -6.76
CA ALA A 72 15.57 -39.48 -5.80
C ALA A 72 15.55 -40.96 -6.19
N LYS A 73 14.36 -41.48 -6.56
CA LYS A 73 14.26 -42.87 -6.96
C LYS A 73 15.04 -43.13 -8.24
N GLU A 74 14.93 -42.22 -9.21
CA GLU A 74 15.66 -42.36 -10.47
C GLU A 74 17.16 -42.51 -10.24
N GLU A 75 17.73 -41.75 -9.30
CA GLU A 75 19.16 -41.81 -9.07
C GLU A 75 19.60 -43.06 -8.33
N GLY A 76 18.67 -43.84 -7.81
CA GLY A 76 19.02 -45.03 -7.08
C GLY A 76 19.18 -44.87 -5.58
N ASN A 77 18.73 -43.75 -4.99
CA ASN A 77 18.56 -43.74 -3.55
C ASN A 77 17.48 -44.75 -3.14
N ASP A 78 17.55 -45.19 -1.89
CA ASP A 78 16.49 -46.07 -1.38
C ASP A 78 15.76 -45.45 -0.19
N THR A 79 16.11 -44.22 0.19
CA THR A 79 15.54 -43.58 1.35
C THR A 79 15.41 -42.09 1.09
N ILE A 80 14.36 -41.51 1.65
CA ILE A 80 14.11 -40.08 1.68
C ILE A 80 14.34 -39.60 3.11
N MET A 81 14.95 -38.41 3.27
CA MET A 81 15.10 -37.85 4.61
C MET A 81 14.86 -36.36 4.61
N CYS A 82 14.23 -35.89 5.67
CA CYS A 82 14.10 -34.47 5.88
C CYS A 82 14.04 -34.22 7.38
N ALA A 83 14.27 -32.98 7.74
CA ALA A 83 14.07 -32.48 9.09
C ALA A 83 12.85 -31.58 9.04
N SER A 84 11.76 -32.01 9.66
CA SER A 84 10.56 -31.18 9.68
C SER A 84 9.57 -31.78 10.64
N THR A 85 8.53 -31.01 10.94
CA THR A 85 7.40 -31.51 11.71
C THR A 85 6.06 -31.21 11.06
N GLY A 86 6.06 -30.50 9.94
CA GLY A 86 4.84 -29.99 9.41
C GLY A 86 4.34 -30.78 8.23
N ASN A 87 3.69 -30.08 7.31
CA ASN A 87 3.18 -30.69 6.08
C ASN A 87 4.29 -31.29 5.25
N THR A 88 5.54 -30.81 5.39
CA THR A 88 6.64 -31.41 4.65
C THR A 88 6.81 -32.88 5.00
N SER A 89 6.79 -33.20 6.30
CA SER A 89 7.01 -34.57 6.71
C SER A 89 5.94 -35.50 6.14
N ALA A 90 4.67 -35.08 6.19
CA ALA A 90 3.60 -35.89 5.62
C ALA A 90 3.79 -36.11 4.13
N ALA A 91 4.10 -35.04 3.38
CA ALA A 91 4.26 -35.18 1.93
C ALA A 91 5.45 -36.06 1.59
N ALA A 92 6.59 -35.87 2.27
CA ALA A 92 7.74 -36.72 1.96
C ALA A 92 7.42 -38.18 2.23
N ALA A 93 6.72 -38.47 3.33
CA ALA A 93 6.50 -39.85 3.74
C ALA A 93 5.53 -40.58 2.80
N ALA A 94 4.48 -39.89 2.36
CA ALA A 94 3.54 -40.53 1.44
C ALA A 94 4.19 -40.85 0.10
N TYR A 95 5.00 -39.94 -0.44
CA TYR A 95 5.63 -40.22 -1.74
C TYR A 95 6.73 -41.25 -1.62
N ALA A 96 7.43 -41.28 -0.48
CA ALA A 96 8.38 -42.37 -0.22
C ALA A 96 7.66 -43.72 -0.24
N ALA A 97 6.59 -43.85 0.55
CA ALA A 97 5.81 -45.08 0.55
C ALA A 97 5.33 -45.43 -0.86
N ARG A 98 4.83 -44.44 -1.61
CA ARG A 98 4.37 -44.71 -2.97
C ARG A 98 5.53 -45.12 -3.88
N ALA A 99 6.72 -44.54 -3.66
CA ALA A 99 7.89 -44.89 -4.47
C ALA A 99 8.57 -46.17 -4.00
N ASN A 100 8.05 -46.82 -2.95
CA ASN A 100 8.67 -48.00 -2.34
C ASN A 100 10.06 -47.67 -1.79
N MET A 101 10.13 -46.56 -1.06
CA MET A 101 11.37 -46.09 -0.46
C MET A 101 11.15 -45.85 1.01
N LYS A 102 12.21 -46.02 1.80
CA LYS A 102 12.13 -45.67 3.20
C LYS A 102 12.13 -44.15 3.37
N CYS A 103 11.53 -43.69 4.46
CA CYS A 103 11.45 -42.28 4.79
C CYS A 103 11.86 -42.11 6.23
N ILE A 104 12.81 -41.22 6.47
CA ILE A 104 13.28 -40.90 7.80
C ILE A 104 13.06 -39.42 8.04
N VAL A 105 12.45 -39.10 9.17
CA VAL A 105 12.24 -37.72 9.57
C VAL A 105 13.03 -37.50 10.85
N ILE A 106 13.86 -36.45 10.85
CA ILE A 106 14.65 -36.07 12.01
C ILE A 106 14.01 -34.85 12.63
N ILE A 107 13.82 -34.88 13.94
CA ILE A 107 13.18 -33.78 14.65
C ILE A 107 14.04 -33.37 15.82
N PRO A 108 14.04 -32.10 16.21
CA PRO A 108 14.70 -31.71 17.46
C PRO A 108 13.83 -32.05 18.66
N ASN A 109 14.48 -32.40 19.76
CA ASN A 109 13.75 -32.73 20.99
C ASN A 109 13.34 -31.46 21.74
N LYS A 116 2.13 -31.99 14.19
CA LYS A 116 1.77 -33.40 14.34
C LYS A 116 2.51 -34.28 13.34
N LEU A 117 2.92 -35.46 13.79
CA LEU A 117 3.65 -36.39 12.96
C LEU A 117 2.86 -37.63 12.62
N ALA A 118 1.61 -37.72 13.09
CA ALA A 118 0.86 -38.97 12.95
C ALA A 118 0.64 -39.33 11.49
N GLN A 119 0.35 -38.33 10.65
CA GLN A 119 0.13 -38.61 9.24
C GLN A 119 1.38 -39.21 8.61
N ALA A 120 2.51 -38.54 8.80
CA ALA A 120 3.79 -39.06 8.32
C ALA A 120 4.02 -40.49 8.81
N VAL A 121 3.79 -40.73 10.10
CA VAL A 121 3.97 -42.08 10.66
C VAL A 121 3.00 -43.07 10.03
N MET A 122 1.76 -42.64 9.75
CA MET A 122 0.83 -43.52 9.04
C MET A 122 1.39 -43.95 7.69
N TYR A 123 2.04 -43.01 6.99
CA TYR A 123 2.66 -43.31 5.71
C TYR A 123 3.89 -44.20 5.86
N GLY A 124 4.42 -44.33 7.06
CA GLY A 124 5.52 -45.21 7.33
C GLY A 124 6.81 -44.52 7.65
N ALA A 125 6.79 -43.23 7.98
CA ALA A 125 8.01 -42.52 8.30
C ALA A 125 8.58 -43.00 9.62
N GLU A 126 9.90 -43.14 9.64
CA GLU A 126 10.64 -43.42 10.87
C GLU A 126 11.04 -42.10 11.48
N ILE A 127 10.58 -41.82 12.69
CA ILE A 127 10.88 -40.58 13.39
C ILE A 127 12.08 -40.80 14.29
N ILE A 128 13.06 -39.90 14.21
CA ILE A 128 14.24 -39.95 15.07
C ILE A 128 14.47 -38.56 15.62
N ALA A 129 14.58 -38.46 16.94
CA ALA A 129 14.82 -37.19 17.61
C ALA A 129 16.30 -37.03 17.90
N ILE A 130 16.78 -35.78 17.83
CA ILE A 130 18.16 -35.47 18.19
C ILE A 130 18.15 -34.43 19.30
N ASP A 131 19.27 -34.37 20.02
CA ASP A 131 19.43 -33.40 21.10
C ASP A 131 20.03 -32.11 20.54
N GLY A 132 19.23 -31.44 19.73
CA GLY A 132 19.60 -30.16 19.19
C GLY A 132 18.35 -29.39 18.83
N ASN A 133 18.55 -28.25 18.19
CA ASN A 133 17.44 -27.49 17.67
C ASN A 133 17.19 -27.89 16.22
N PHE A 134 16.21 -27.23 15.58
CA PHE A 134 15.89 -27.57 14.21
C PHE A 134 17.08 -27.31 13.28
N ASP A 135 17.85 -26.26 13.56
CA ASP A 135 19.04 -26.00 12.77
C ASP A 135 20.03 -27.17 12.87
N ASP A 136 20.24 -27.70 14.08
CA ASP A 136 21.06 -28.87 14.24
C ASP A 136 20.49 -30.06 13.46
N ALA A 137 19.17 -30.16 13.40
CA ALA A 137 18.56 -31.29 12.69
C ALA A 137 18.81 -31.20 11.18
N LEU A 138 18.67 -29.99 10.62
CA LEU A 138 18.87 -29.84 9.18
C LEU A 138 20.34 -30.05 8.82
N LYS A 139 21.24 -29.61 9.69
CA LYS A 139 22.67 -29.78 9.45
C LYS A 139 23.02 -31.26 9.39
N ILE A 140 22.53 -32.04 10.35
CA ILE A 140 22.92 -33.44 10.36
C ILE A 140 22.21 -34.21 9.25
N VAL A 141 21.01 -33.79 8.86
CA VAL A 141 20.33 -34.43 7.74
C VAL A 141 21.13 -34.24 6.46
N ARG A 142 21.66 -33.03 6.25
CA ARG A 142 22.45 -32.76 5.05
C ARG A 142 23.75 -33.56 5.05
N SER A 143 24.40 -33.68 6.21
CA SER A 143 25.64 -34.46 6.26
C SER A 143 25.40 -35.92 5.97
N ILE A 144 24.32 -36.48 6.53
CA ILE A 144 23.98 -37.88 6.25
C ILE A 144 23.71 -38.08 4.76
N CYS A 145 22.92 -37.17 4.18
CA CYS A 145 22.47 -37.39 2.81
C CYS A 145 23.62 -37.22 1.82
N GLU A 146 24.61 -36.40 2.16
CA GLU A 146 25.78 -36.21 1.31
C GLU A 146 26.65 -37.45 1.19
N LYS A 147 26.43 -38.46 2.06
CA LYS A 147 27.35 -39.58 2.19
C LYS A 147 26.65 -40.92 2.11
N SER A 148 25.36 -40.94 1.73
CA SER A 148 24.61 -42.19 1.71
C SER A 148 23.55 -42.09 0.62
N PRO A 149 22.98 -43.23 0.17
CA PRO A 149 21.88 -43.19 -0.80
C PRO A 149 20.54 -42.80 -0.16
N ILE A 150 20.58 -41.72 0.62
CA ILE A 150 19.42 -41.13 1.27
C ILE A 150 19.29 -39.72 0.70
N ALA A 151 18.21 -39.46 -0.02
CA ALA A 151 18.01 -38.16 -0.67
C ALA A 151 17.42 -37.13 0.29
N LEU A 152 18.04 -35.94 0.31
CA LEU A 152 17.56 -34.81 1.08
C LEU A 152 16.36 -34.16 0.39
N VAL A 153 15.21 -34.05 1.08
CA VAL A 153 14.03 -33.40 0.47
C VAL A 153 13.55 -32.25 1.33
N ASN A 154 14.46 -31.62 2.07
CA ASN A 154 14.12 -30.34 2.66
C ASN A 154 14.04 -29.29 1.56
N SER A 155 13.74 -28.05 1.95
CA SER A 155 13.37 -27.03 0.97
C SER A 155 14.49 -26.67 0.00
N VAL A 156 15.75 -26.97 0.34
CA VAL A 156 16.83 -26.61 -0.58
C VAL A 156 16.89 -27.51 -1.80
N ASN A 157 16.24 -28.68 -1.77
CA ASN A 157 16.15 -29.57 -2.92
C ASN A 157 15.45 -28.82 -4.06
N PRO A 158 16.17 -28.54 -5.14
CA PRO A 158 15.61 -27.76 -6.26
C PRO A 158 14.42 -28.41 -6.92
N TYR A 159 14.34 -29.75 -6.92
CA TYR A 159 13.22 -30.41 -7.57
C TYR A 159 11.88 -30.04 -6.94
N ARG A 160 11.88 -29.61 -5.67
CA ARG A 160 10.62 -29.20 -5.06
C ARG A 160 10.11 -27.90 -5.69
N LEU A 161 11.00 -26.95 -5.98
CA LEU A 161 10.56 -25.75 -6.69
C LEU A 161 10.03 -26.10 -8.07
N GLU A 162 10.72 -27.00 -8.78
CA GLU A 162 10.29 -27.41 -10.11
C GLU A 162 8.89 -28.01 -10.06
N GLY A 163 8.66 -28.93 -9.12
CA GLY A 163 7.33 -29.47 -8.97
C GLY A 163 6.30 -28.42 -8.64
N GLN A 164 6.62 -27.53 -7.71
CA GLN A 164 5.65 -26.55 -7.26
C GLN A 164 5.29 -25.55 -8.35
N LYS A 165 6.14 -25.37 -9.36
CA LYS A 165 5.84 -24.34 -10.37
C LYS A 165 4.65 -24.75 -11.23
N THR A 166 4.30 -26.04 -11.27
CA THR A 166 3.18 -26.48 -12.10
C THR A 166 1.87 -25.85 -11.65
N ALA A 167 1.77 -25.44 -10.39
CA ALA A 167 0.55 -24.77 -9.95
C ALA A 167 0.27 -23.54 -10.80
N ALA A 168 1.32 -22.82 -11.23
CA ALA A 168 1.09 -21.64 -12.04
C ALA A 168 0.63 -22.03 -13.45
N PHE A 169 1.15 -23.13 -14.01
CA PHE A 169 0.64 -23.61 -15.29
C PHE A 169 -0.85 -23.91 -15.22
N GLU A 170 -1.28 -24.60 -14.15
CA GLU A 170 -2.69 -24.96 -14.01
C GLU A 170 -3.56 -23.72 -13.94
N VAL A 171 -3.13 -22.72 -13.18
CA VAL A 171 -3.93 -21.51 -13.06
C VAL A 171 -4.13 -20.85 -14.42
N CYS A 172 -3.10 -20.84 -15.26
CA CYS A 172 -3.24 -20.28 -16.61
C CYS A 172 -4.21 -21.10 -17.44
N GLU A 173 -4.11 -22.43 -17.37
CA GLU A 173 -4.96 -23.28 -18.18
C GLU A 173 -6.40 -23.28 -17.67
N GLN A 174 -6.59 -23.16 -16.36
CA GLN A 174 -7.92 -23.15 -15.76
C GLN A 174 -8.63 -21.82 -15.97
N LEU A 175 -7.91 -20.71 -15.85
CA LEU A 175 -8.50 -19.41 -16.15
C LEU A 175 -8.56 -19.14 -17.65
N GLY A 176 -7.74 -19.83 -18.45
CA GLY A 176 -7.60 -19.49 -19.84
C GLY A 176 -6.69 -18.32 -20.10
N GLU A 177 -6.15 -17.72 -19.04
CA GLU A 177 -5.24 -16.59 -19.12
C GLU A 177 -4.56 -16.51 -17.78
N ALA A 178 -3.42 -15.80 -17.73
CA ALA A 178 -2.81 -15.49 -16.45
C ALA A 178 -3.65 -14.47 -15.71
N PRO A 179 -3.72 -14.55 -14.38
CA PRO A 179 -4.47 -13.56 -13.61
C PRO A 179 -3.68 -12.26 -13.48
N ASP A 180 -4.40 -11.17 -13.17
CA ASP A 180 -3.73 -9.91 -12.84
C ASP A 180 -2.85 -10.07 -11.60
N VAL A 181 -3.34 -10.79 -10.59
CA VAL A 181 -2.71 -10.88 -9.28
C VAL A 181 -2.73 -12.33 -8.80
N LEU A 182 -1.57 -12.84 -8.39
CA LEU A 182 -1.46 -14.11 -7.69
C LEU A 182 -1.15 -13.78 -6.22
N ALA A 183 -2.12 -14.02 -5.35
CA ALA A 183 -1.96 -13.80 -3.92
C ALA A 183 -1.66 -15.13 -3.25
N ILE A 184 -0.63 -15.15 -2.41
CA ILE A 184 -0.09 -16.43 -1.97
C ILE A 184 0.54 -16.28 -0.59
N PRO A 185 0.39 -17.25 0.32
CA PRO A 185 1.09 -17.18 1.60
C PRO A 185 2.58 -17.30 1.38
N VAL A 186 3.34 -16.72 2.32
CA VAL A 186 4.78 -16.81 2.33
C VAL A 186 5.19 -17.32 3.70
N GLY A 187 5.65 -18.58 3.76
CA GLY A 187 6.38 -19.11 4.88
C GLY A 187 7.86 -19.07 4.60
N ASN A 188 8.39 -20.13 3.99
CA ASN A 188 9.77 -20.14 3.56
C ASN A 188 9.97 -19.49 2.20
N ALA A 189 8.88 -19.14 1.53
CA ALA A 189 8.85 -18.36 0.29
C ALA A 189 9.27 -19.19 -0.94
N GLY A 190 9.44 -20.50 -0.78
CA GLY A 190 9.56 -21.35 -1.95
C GLY A 190 8.41 -21.15 -2.92
N ASN A 191 7.18 -21.07 -2.38
CA ASN A 191 6.01 -21.16 -3.25
C ASN A 191 5.84 -19.94 -4.14
N ILE A 192 6.08 -18.74 -3.61
CA ILE A 192 5.94 -17.56 -4.44
C ILE A 192 6.95 -17.60 -5.58
N SER A 193 8.15 -18.14 -5.32
CA SER A 193 9.18 -18.21 -6.34
C SER A 193 8.84 -19.27 -7.37
N ALA A 194 8.28 -20.40 -6.92
CA ALA A 194 7.86 -21.44 -7.86
C ALA A 194 6.77 -20.91 -8.78
N TYR A 195 5.78 -20.22 -8.22
CA TYR A 195 4.71 -19.68 -9.06
C TYR A 195 5.26 -18.67 -10.06
N TRP A 196 6.09 -17.75 -9.58
CA TRP A 196 6.69 -16.76 -10.47
C TRP A 196 7.48 -17.41 -11.60
N LYS A 197 8.35 -18.38 -11.25
CA LYS A 197 9.09 -19.08 -12.28
C LYS A 197 8.14 -19.76 -13.27
N GLY A 198 7.04 -20.32 -12.76
CA GLY A 198 6.10 -20.98 -13.66
C GLY A 198 5.43 -20.00 -14.60
N PHE A 199 5.03 -18.84 -14.09
CA PHE A 199 4.39 -17.84 -14.95
C PHE A 199 5.36 -17.36 -16.03
N LYS A 200 6.63 -17.16 -15.66
CA LYS A 200 7.63 -16.71 -16.64
C LYS A 200 7.81 -17.73 -17.74
N GLU A 201 7.96 -19.01 -17.37
CA GLU A 201 8.12 -20.06 -18.38
C GLU A 201 6.87 -20.18 -19.26
N TYR A 202 5.68 -20.09 -18.65
CA TYR A 202 4.46 -20.18 -19.44
C TYR A 202 4.30 -18.96 -20.34
N HIS A 203 4.68 -17.79 -19.84
CA HIS A 203 4.68 -16.60 -20.66
C HIS A 203 5.60 -16.76 -21.88
N GLU A 204 6.84 -17.19 -21.65
CA GLU A 204 7.77 -17.24 -22.79
C GLU A 204 7.42 -18.35 -23.77
N LYS A 205 6.76 -19.41 -23.31
CA LYS A 205 6.41 -20.52 -24.20
C LYS A 205 5.02 -20.38 -24.83
N ASN A 206 4.03 -19.86 -24.10
CA ASN A 206 2.66 -19.86 -24.61
C ASN A 206 2.03 -18.48 -24.69
N GLY A 207 2.78 -17.43 -24.33
CA GLY A 207 2.29 -16.08 -24.51
C GLY A 207 1.40 -15.51 -23.43
N THR A 208 1.19 -16.23 -22.33
CA THR A 208 0.37 -15.69 -21.24
C THR A 208 1.05 -14.47 -20.60
N SER A 209 0.25 -13.65 -19.94
CA SER A 209 0.80 -12.44 -19.33
C SER A 209 1.48 -12.75 -17.99
N LEU A 210 2.12 -11.74 -17.41
CA LEU A 210 2.86 -11.94 -16.17
C LEU A 210 2.11 -11.35 -15.00
N PRO A 211 1.61 -12.17 -14.06
CA PRO A 211 0.89 -11.63 -12.91
C PRO A 211 1.81 -10.86 -11.98
N LYS A 212 1.19 -9.98 -11.18
CA LYS A 212 1.87 -9.41 -10.03
C LYS A 212 1.82 -10.42 -8.89
N MET A 213 2.98 -10.77 -8.37
CA MET A 213 3.05 -11.72 -7.27
C MET A 213 2.87 -10.97 -5.96
N ARG A 214 1.82 -11.31 -5.22
CA ARG A 214 1.51 -10.68 -3.96
C ARG A 214 1.61 -11.71 -2.85
N GLY A 215 2.74 -11.71 -2.13
CA GLY A 215 2.93 -12.62 -1.03
C GLY A 215 2.49 -12.01 0.29
N PHE A 216 2.15 -12.85 1.25
CA PHE A 216 1.67 -12.36 2.54
C PHE A 216 2.26 -13.20 3.66
N GLU A 217 2.97 -12.54 4.57
CA GLU A 217 3.51 -13.16 5.77
C GLU A 217 2.62 -12.81 6.95
N ALA A 218 2.60 -13.71 7.93
CA ALA A 218 2.02 -13.37 9.23
C ALA A 218 2.92 -12.35 9.92
N GLU A 219 2.31 -11.35 10.54
CA GLU A 219 3.09 -10.21 11.03
C GLU A 219 4.08 -10.64 12.11
N GLY A 220 3.73 -11.65 12.90
CA GLY A 220 4.65 -12.16 13.91
C GLY A 220 5.81 -12.96 13.35
N SER A 221 5.77 -13.30 12.06
CA SER A 221 6.85 -14.06 11.42
C SER A 221 7.33 -13.40 10.14
N ALA A 222 7.10 -12.08 9.98
CA ALA A 222 7.30 -11.39 8.71
C ALA A 222 8.75 -10.93 8.56
N ALA A 223 9.63 -11.90 8.35
CA ALA A 223 11.06 -11.60 8.24
C ALA A 223 11.37 -10.79 6.98
N ILE A 224 10.72 -11.12 5.86
CA ILE A 224 11.02 -10.44 4.60
C ILE A 224 10.49 -9.01 4.63
N VAL A 225 9.29 -8.82 5.20
CA VAL A 225 8.71 -7.48 5.34
C VAL A 225 9.55 -6.62 6.29
N ARG A 226 9.93 -7.18 7.44
CA ARG A 226 10.73 -6.44 8.42
C ARG A 226 12.21 -6.37 8.04
N ASN A 227 12.64 -7.09 6.99
CA ASN A 227 14.01 -7.07 6.51
C ASN A 227 14.99 -7.49 7.61
N GLU A 228 14.60 -8.46 8.42
CA GLU A 228 15.40 -8.90 9.54
C GLU A 228 14.96 -10.30 9.93
N VAL A 229 15.93 -11.17 10.20
CA VAL A 229 15.60 -12.51 10.67
C VAL A 229 14.90 -12.38 12.03
N ILE A 230 13.71 -12.94 12.13
CA ILE A 230 12.97 -12.97 13.38
C ILE A 230 13.34 -14.24 14.13
N GLU A 231 13.91 -14.08 15.32
CA GLU A 231 14.51 -15.21 16.04
C GLU A 231 13.44 -16.19 16.50
N ASN A 232 12.40 -15.69 17.18
CA ASN A 232 11.29 -16.53 17.62
C ASN A 232 10.03 -16.03 16.93
N PRO A 233 9.72 -16.56 15.74
CA PRO A 233 8.53 -16.12 15.02
C PRO A 233 7.26 -16.67 15.66
N GLU A 234 6.19 -15.89 15.55
CA GLU A 234 4.91 -16.23 16.15
C GLU A 234 3.79 -16.03 15.14
N THR A 235 2.76 -16.86 15.29
CA THR A 235 1.46 -16.75 14.61
C THR A 235 0.63 -17.99 14.90
N ILE A 236 -0.70 -17.83 14.97
CA ILE A 236 -1.57 -19.01 15.04
C ILE A 236 -1.42 -19.85 13.78
N ALA A 237 -1.07 -19.22 12.65
CA ALA A 237 -0.96 -19.87 11.35
C ALA A 237 0.38 -20.58 11.23
N THR A 238 0.44 -21.80 11.78
CA THR A 238 1.71 -22.52 11.93
C THR A 238 2.42 -22.73 10.59
N ALA A 239 1.67 -22.83 9.49
CA ALA A 239 2.27 -23.14 8.20
C ALA A 239 3.28 -22.08 7.75
N ILE A 240 3.12 -20.84 8.22
CA ILE A 240 3.94 -19.73 7.77
C ILE A 240 4.69 -19.07 8.93
N ARG A 241 4.85 -19.78 10.05
CA ARG A 241 5.65 -19.28 11.17
C ARG A 241 7.13 -19.60 10.91
N ILE A 242 7.69 -18.86 9.95
CA ILE A 242 9.05 -19.05 9.49
C ILE A 242 9.80 -17.73 9.70
N GLY A 243 10.77 -17.74 10.61
CA GLY A 243 11.49 -16.54 10.98
C GLY A 243 12.64 -16.17 10.07
N ASN A 244 13.13 -17.13 9.30
CA ASN A 244 14.21 -16.89 8.33
C ASN A 244 13.90 -17.68 7.07
N PRO A 245 13.06 -17.11 6.18
CA PRO A 245 12.65 -17.85 4.98
C PRO A 245 13.84 -18.32 4.16
N ALA A 246 13.85 -19.63 3.87
CA ALA A 246 14.97 -20.24 3.15
C ALA A 246 15.14 -19.64 1.77
N SER A 247 14.04 -19.33 1.07
CA SER A 247 14.08 -18.77 -0.27
C SER A 247 13.85 -17.27 -0.28
N TRP A 248 14.34 -16.59 0.78
CA TRP A 248 14.12 -15.16 1.01
C TRP A 248 14.44 -14.31 -0.23
N ASP A 249 15.68 -14.38 -0.72
CA ASP A 249 16.06 -13.50 -1.82
C ASP A 249 15.32 -13.86 -3.10
N LYS A 250 15.14 -15.15 -3.36
CA LYS A 250 14.36 -15.58 -4.52
C LYS A 250 12.95 -15.02 -4.49
N ALA A 251 12.34 -14.97 -3.30
CA ALA A 251 11.01 -14.39 -3.19
C ALA A 251 11.04 -12.90 -3.44
N VAL A 252 12.05 -12.22 -2.88
CA VAL A 252 12.19 -10.79 -3.09
C VAL A 252 12.34 -10.48 -4.58
N LYS A 253 13.23 -11.20 -5.27
CA LYS A 253 13.39 -10.95 -6.69
C LYS A 253 12.12 -11.31 -7.48
N ALA A 254 11.39 -12.34 -7.05
CA ALA A 254 10.12 -12.67 -7.71
C ALA A 254 9.14 -11.51 -7.60
N ALA A 255 8.99 -10.95 -6.41
CA ALA A 255 8.13 -9.78 -6.26
C ALA A 255 8.64 -8.60 -7.09
N GLU A 256 9.96 -8.50 -7.26
CA GLU A 256 10.54 -7.39 -8.01
C GLU A 256 10.33 -7.56 -9.51
N GLU A 257 10.72 -8.72 -10.05
CA GLU A 257 10.57 -8.96 -11.48
C GLU A 257 9.11 -8.82 -11.92
N SER A 258 8.17 -9.10 -11.03
CA SER A 258 6.76 -9.18 -11.40
C SER A 258 5.96 -7.94 -11.05
N ASN A 259 6.59 -6.92 -10.47
CA ASN A 259 5.91 -5.70 -10.03
C ASN A 259 4.92 -5.98 -8.92
N GLY A 260 5.23 -6.99 -8.12
CA GLY A 260 4.47 -7.40 -6.99
C GLY A 260 5.03 -6.84 -5.70
N LYS A 261 4.71 -7.51 -4.60
CA LYS A 261 5.03 -7.01 -3.27
C LYS A 261 4.84 -8.15 -2.27
N ILE A 262 5.72 -8.23 -1.30
CA ILE A 262 5.52 -9.08 -0.14
C ILE A 262 5.09 -8.21 1.01
N ASP A 263 3.96 -8.56 1.62
CA ASP A 263 3.26 -7.76 2.61
C ASP A 263 2.98 -8.64 3.82
N GLU A 264 2.45 -8.05 4.87
CA GLU A 264 2.17 -8.78 6.09
C GLU A 264 0.73 -8.57 6.51
N VAL A 265 0.18 -9.57 7.20
CA VAL A 265 -1.17 -9.54 7.76
C VAL A 265 -1.09 -10.01 9.20
N THR A 266 -1.95 -9.44 10.04
CA THR A 266 -2.02 -9.82 11.44
C THR A 266 -2.74 -11.16 11.59
N ASP A 267 -2.56 -11.76 12.77
CA ASP A 267 -3.29 -12.99 13.08
C ASP A 267 -4.79 -12.76 13.05
N ASP A 268 -5.24 -11.61 13.57
CA ASP A 268 -6.66 -11.27 13.51
C ASP A 268 -7.16 -11.24 12.08
N GLU A 269 -6.38 -10.65 11.16
CA GLU A 269 -6.79 -10.62 9.77
C GLU A 269 -6.81 -12.03 9.18
N ILE A 270 -5.82 -12.85 9.51
CA ILE A 270 -5.77 -14.23 9.01
C ILE A 270 -6.99 -14.99 9.50
N LEU A 271 -7.25 -14.93 10.80
CA LEU A 271 -8.39 -15.66 11.36
C LEU A 271 -9.71 -15.15 10.79
N HIS A 272 -9.81 -13.85 10.53
CA HIS A 272 -11.03 -13.31 9.96
C HIS A 272 -11.28 -13.84 8.55
N ALA A 273 -10.23 -13.87 7.72
CA ALA A 273 -10.35 -14.46 6.38
C ALA A 273 -10.67 -15.94 6.49
N TYR A 274 -9.96 -16.65 7.36
CA TYR A 274 -10.19 -18.06 7.66
C TYR A 274 -11.67 -18.37 7.85
N GLN A 275 -12.29 -17.67 8.80
CA GLN A 275 -13.72 -17.86 9.05
C GLN A 275 -14.56 -17.41 7.88
N LEU A 276 -14.16 -16.34 7.20
CA LEU A 276 -14.99 -15.73 6.18
C LEU A 276 -15.16 -16.63 4.95
N ILE A 277 -14.07 -17.24 4.45
CA ILE A 277 -14.25 -18.03 3.23
C ILE A 277 -15.10 -19.26 3.52
N ALA A 278 -15.02 -19.76 4.73
CA ALA A 278 -15.78 -20.92 5.14
C ALA A 278 -17.28 -20.62 5.30
N ARG A 279 -17.63 -19.52 5.99
CA ARG A 279 -19.05 -19.18 6.20
C ARG A 279 -19.73 -18.73 4.91
N GLU A 280 -19.00 -17.97 4.11
CA GLU A 280 -19.60 -17.31 2.97
C GLU A 280 -19.54 -18.13 1.69
N GLU A 281 -18.47 -18.88 1.47
CA GLU A 281 -18.31 -19.59 0.21
C GLU A 281 -18.26 -21.12 0.37
N GLY A 282 -18.28 -21.64 1.59
CA GLY A 282 -18.15 -23.07 1.77
C GLY A 282 -16.77 -23.61 1.45
N VAL A 283 -15.74 -22.79 1.60
CA VAL A 283 -14.37 -23.22 1.31
C VAL A 283 -13.56 -23.14 2.58
N PHE A 284 -13.02 -24.26 2.99
CA PHE A 284 -12.32 -24.44 4.25
C PHE A 284 -10.86 -24.70 3.93
N ALA A 285 -9.99 -23.82 4.39
CA ALA A 285 -8.55 -23.98 4.23
C ALA A 285 -7.90 -23.74 5.58
N GLU A 286 -6.68 -24.23 5.72
CA GLU A 286 -6.01 -24.13 7.00
C GLU A 286 -5.60 -22.68 7.27
N PRO A 287 -5.43 -22.31 8.54
CA PRO A 287 -5.19 -20.88 8.85
C PRO A 287 -4.06 -20.24 8.04
N GLY A 288 -2.90 -20.89 7.97
CA GLY A 288 -1.80 -20.31 7.19
C GLY A 288 -2.18 -19.98 5.77
N SER A 289 -3.00 -20.84 5.15
CA SER A 289 -3.44 -20.63 3.77
C SER A 289 -4.23 -19.36 3.60
N CYS A 290 -4.96 -18.96 4.63
CA CYS A 290 -5.90 -17.86 4.49
C CYS A 290 -5.23 -16.50 4.57
N ALA A 291 -3.92 -16.49 4.85
CA ALA A 291 -3.13 -15.28 4.69
C ALA A 291 -3.28 -14.71 3.29
N SER A 292 -3.42 -15.56 2.27
CA SER A 292 -3.60 -15.05 0.92
C SER A 292 -4.91 -14.30 0.78
N ILE A 293 -5.97 -14.78 1.46
CA ILE A 293 -7.26 -14.09 1.42
C ILE A 293 -7.23 -12.85 2.29
N ALA A 294 -6.67 -12.94 3.50
CA ALA A 294 -6.52 -11.75 4.33
C ALA A 294 -5.78 -10.65 3.57
N GLY A 295 -4.75 -11.03 2.82
CA GLY A 295 -3.99 -10.04 2.09
C GLY A 295 -4.77 -9.45 0.94
N VAL A 296 -5.58 -10.28 0.26
CA VAL A 296 -6.46 -9.76 -0.79
C VAL A 296 -7.41 -8.73 -0.20
N LEU A 297 -8.05 -9.05 0.93
CA LEU A 297 -8.91 -8.10 1.62
C LEU A 297 -8.16 -6.81 1.91
N LYS A 298 -6.95 -6.94 2.45
CA LYS A 298 -6.16 -5.77 2.86
C LYS A 298 -5.78 -4.91 1.66
N GLN A 299 -5.37 -5.53 0.56
CA GLN A 299 -4.90 -4.77 -0.59
C GLN A 299 -6.01 -4.33 -1.52
N VAL A 300 -7.20 -4.92 -1.43
CA VAL A 300 -8.35 -4.35 -2.11
C VAL A 300 -8.77 -3.06 -1.42
N LYS A 301 -8.77 -3.07 -0.09
CA LYS A 301 -9.15 -1.90 0.69
C LYS A 301 -8.15 -0.77 0.51
N SER A 302 -6.88 -1.09 0.26
CA SER A 302 -5.83 -0.10 0.08
C SER A 302 -5.67 0.35 -1.36
N GLY A 303 -6.40 -0.25 -2.30
CA GLY A 303 -6.27 0.10 -3.69
C GLY A 303 -5.12 -0.57 -4.43
N GLU A 304 -4.24 -1.27 -3.73
CA GLU A 304 -3.16 -2.00 -4.40
C GLU A 304 -3.69 -3.16 -5.24
N ILE A 305 -4.87 -3.66 -4.93
CA ILE A 305 -5.57 -4.52 -5.88
C ILE A 305 -6.74 -3.71 -6.43
N PRO A 306 -6.64 -3.19 -7.63
CA PRO A 306 -7.71 -2.33 -8.16
C PRO A 306 -9.00 -3.10 -8.39
N LYS A 307 -10.11 -2.37 -8.24
CA LYS A 307 -11.41 -2.91 -8.61
C LYS A 307 -11.35 -3.50 -10.01
N GLY A 308 -12.01 -4.63 -10.20
CA GLY A 308 -12.02 -5.28 -11.49
C GLY A 308 -10.84 -6.18 -11.77
N SER A 309 -9.91 -6.34 -10.84
CA SER A 309 -8.80 -7.24 -11.07
C SER A 309 -9.27 -8.70 -11.06
N LYS A 310 -8.62 -9.51 -11.89
CA LYS A 310 -8.76 -10.97 -11.84
C LYS A 310 -7.69 -11.46 -10.87
N VAL A 311 -8.11 -12.01 -9.72
CA VAL A 311 -7.21 -12.39 -8.64
C VAL A 311 -7.37 -13.87 -8.35
N VAL A 312 -6.25 -14.58 -8.28
CA VAL A 312 -6.20 -15.93 -7.78
C VAL A 312 -5.47 -15.92 -6.45
N ALA A 313 -6.17 -16.31 -5.37
CA ALA A 313 -5.56 -16.53 -4.07
C ALA A 313 -5.28 -18.03 -3.91
N VAL A 314 -4.07 -18.35 -3.48
CA VAL A 314 -3.68 -19.74 -3.28
C VAL A 314 -4.04 -20.15 -1.85
N LEU A 315 -4.85 -21.19 -1.74
CA LEU A 315 -5.18 -21.81 -0.44
C LEU A 315 -4.31 -23.05 -0.35
N THR A 316 -3.22 -22.92 0.42
CA THR A 316 -2.11 -23.85 0.33
C THR A 316 -2.37 -25.18 1.02
N GLY A 317 -3.33 -25.25 1.95
CA GLY A 317 -3.51 -26.47 2.72
C GLY A 317 -4.94 -26.77 3.10
N ASN A 318 -5.19 -28.04 3.38
CA ASN A 318 -6.51 -28.50 3.79
C ASN A 318 -6.85 -27.97 5.18
N GLY A 319 -8.06 -27.45 5.34
CA GLY A 319 -8.49 -27.00 6.65
C GLY A 319 -8.49 -28.11 7.69
N LEU A 320 -8.68 -29.35 7.26
CA LEU A 320 -8.60 -30.49 8.17
C LEU A 320 -7.19 -30.68 8.74
N LYS A 321 -6.20 -29.95 8.22
CA LYS A 321 -4.87 -29.97 8.83
C LYS A 321 -4.90 -29.48 10.27
N ASP A 322 -5.81 -28.57 10.60
CA ASP A 322 -5.79 -27.91 11.92
C ASP A 322 -7.19 -27.80 12.48
N PRO A 323 -7.78 -28.92 12.92
CA PRO A 323 -9.12 -28.85 13.53
C PRO A 323 -9.14 -28.11 14.85
N ASN A 324 -8.01 -28.03 15.57
CA ASN A 324 -8.01 -27.40 16.88
C ASN A 324 -8.25 -25.90 16.79
N THR A 325 -7.60 -25.20 15.86
CA THR A 325 -7.88 -23.78 15.70
C THR A 325 -9.34 -23.54 15.32
N ALA A 326 -9.85 -24.36 14.39
CA ALA A 326 -11.23 -24.21 13.95
C ALA A 326 -12.20 -24.20 15.11
N VAL A 327 -12.10 -25.20 15.99
CA VAL A 327 -13.00 -25.27 17.13
C VAL A 327 -12.68 -24.18 18.14
N ASP A 328 -11.39 -23.93 18.39
CA ASP A 328 -10.99 -23.01 19.46
C ASP A 328 -11.53 -21.61 19.21
N ILE A 329 -11.39 -21.10 18.00
CA ILE A 329 -11.68 -19.70 17.72
C ILE A 329 -13.14 -19.44 17.35
N SER A 330 -13.88 -20.47 16.97
CA SER A 330 -15.24 -20.24 16.56
C SER A 330 -16.16 -20.07 17.77
N GLU A 331 -17.15 -19.21 17.62
CA GLU A 331 -18.20 -19.08 18.62
C GLU A 331 -19.42 -19.92 18.30
N ILE A 332 -19.50 -20.48 17.09
CA ILE A 332 -20.46 -21.55 16.83
C ILE A 332 -20.04 -22.72 17.70
N LYS A 333 -20.82 -22.97 18.75
CA LYS A 333 -20.60 -24.09 19.65
C LYS A 333 -21.79 -25.03 19.54
N PRO A 334 -21.56 -26.33 19.40
CA PRO A 334 -22.69 -27.27 19.38
C PRO A 334 -23.48 -27.21 20.66
N VAL A 335 -24.79 -27.15 20.54
CA VAL A 335 -25.69 -27.13 21.68
C VAL A 335 -26.13 -28.56 21.97
N THR A 336 -26.13 -28.93 23.24
CA THR A 336 -26.44 -30.29 23.65
C THR A 336 -27.90 -30.36 24.08
N LEU A 337 -28.65 -31.28 23.48
CA LEU A 337 -30.10 -31.33 23.61
C LEU A 337 -30.54 -32.75 23.87
N PRO A 338 -31.65 -32.93 24.60
CA PRO A 338 -32.21 -34.27 24.77
C PRO A 338 -32.56 -34.91 23.43
N THR A 339 -32.50 -36.24 23.40
CA THR A 339 -32.94 -37.01 22.24
C THR A 339 -34.47 -37.04 22.28
N ASN A 340 -35.06 -35.97 21.76
CA ASN A 340 -36.50 -35.79 21.86
C ASN A 340 -36.89 -34.74 20.84
N GLU A 341 -37.78 -35.10 19.91
CA GLU A 341 -38.06 -34.22 18.80
C GLU A 341 -38.65 -32.89 19.26
N ASP A 342 -39.53 -32.93 20.26
CA ASP A 342 -40.21 -31.71 20.69
C ASP A 342 -39.22 -30.70 21.27
N SER A 343 -38.28 -31.15 22.10
CA SER A 343 -37.32 -30.21 22.65
C SER A 343 -36.37 -29.70 21.58
N ILE A 344 -36.15 -30.47 20.51
CA ILE A 344 -35.27 -30.05 19.44
C ILE A 344 -35.99 -29.07 18.51
N LEU A 345 -37.26 -29.33 18.20
CA LEU A 345 -38.07 -28.37 17.45
C LEU A 345 -38.16 -27.04 18.16
N GLU A 346 -38.36 -27.06 19.48
CA GLU A 346 -38.50 -25.82 20.23
C GLU A 346 -37.19 -25.04 20.24
N TYR A 347 -36.05 -25.72 20.33
CA TYR A 347 -34.78 -25.02 20.17
C TYR A 347 -34.64 -24.47 18.75
N VAL A 348 -35.09 -25.24 17.75
CA VAL A 348 -34.89 -24.84 16.37
C VAL A 348 -35.67 -23.56 16.04
N LYS A 349 -36.78 -23.33 16.74
CA LYS A 349 -37.42 -22.03 16.67
C LYS A 349 -36.90 -21.05 17.70
N GLY A 350 -36.44 -21.53 18.85
CA GLY A 350 -36.01 -20.72 19.98
C GLY A 350 -35.37 -19.36 19.74
N TRP B 4 4.14 37.89 -17.99
CA TRP B 4 3.21 37.20 -17.10
C TRP B 4 2.42 38.17 -16.21
N LYS B 5 1.09 38.13 -16.29
CA LYS B 5 0.26 39.14 -15.64
C LYS B 5 -0.82 38.52 -14.77
N GLY B 6 -0.56 37.35 -14.20
CA GLY B 6 -1.51 36.73 -13.30
C GLY B 6 -2.47 35.76 -13.98
N LEU B 7 -3.17 35.01 -13.12
CA LEU B 7 -3.94 33.87 -13.58
C LEU B 7 -5.18 34.26 -14.37
N ILE B 8 -5.91 35.26 -13.87
CA ILE B 8 -7.18 35.61 -14.52
C ILE B 8 -6.93 35.95 -15.98
N HIS B 9 -5.90 36.75 -16.24
CA HIS B 9 -5.57 37.08 -17.63
C HIS B 9 -5.13 35.84 -18.41
N GLN B 10 -4.23 35.04 -17.82
CA GLN B 10 -3.62 33.95 -18.59
C GLN B 10 -4.62 32.84 -18.92
N TYR B 11 -5.57 32.56 -18.04
CA TYR B 11 -6.44 31.40 -18.19
C TYR B 11 -7.91 31.79 -18.27
N LYS B 12 -8.20 33.01 -18.74
CA LYS B 12 -9.58 33.47 -18.75
C LYS B 12 -10.47 32.54 -19.56
N GLU B 13 -9.90 31.88 -20.57
CA GLU B 13 -10.64 30.92 -21.38
C GLU B 13 -11.23 29.80 -20.53
N PHE B 14 -10.67 29.54 -19.35
CA PHE B 14 -11.11 28.45 -18.50
C PHE B 14 -11.75 28.94 -17.21
N LEU B 15 -11.95 30.25 -17.09
CA LEU B 15 -12.41 30.80 -15.83
C LEU B 15 -13.78 31.45 -15.99
N PRO B 16 -14.60 31.41 -14.95
CA PRO B 16 -15.92 32.07 -14.98
C PRO B 16 -15.82 33.58 -14.81
N VAL B 17 -15.13 34.23 -15.74
CA VAL B 17 -14.89 35.66 -15.67
C VAL B 17 -15.53 36.31 -16.89
N THR B 18 -16.02 37.53 -16.69
CA THR B 18 -16.61 38.34 -17.73
C THR B 18 -15.86 39.65 -17.83
N ASP B 19 -16.20 40.46 -18.84
CA ASP B 19 -15.58 41.77 -18.97
C ASP B 19 -15.82 42.64 -17.76
N GLN B 20 -16.83 42.32 -16.93
CA GLN B 20 -17.08 43.06 -15.71
C GLN B 20 -16.34 42.51 -14.49
N THR B 21 -15.51 41.49 -14.65
CA THR B 21 -14.71 41.04 -13.51
C THR B 21 -13.54 41.99 -13.28
N PRO B 22 -13.33 42.45 -12.04
CA PRO B 22 -12.13 43.25 -11.74
C PRO B 22 -10.85 42.54 -12.15
N ALA B 23 -9.92 43.29 -12.73
CA ALA B 23 -8.65 42.73 -13.21
C ALA B 23 -7.63 42.58 -12.06
N LEU B 24 -8.02 41.81 -11.06
CA LEU B 24 -7.23 41.68 -9.83
C LEU B 24 -6.04 40.76 -10.05
N THR B 25 -4.85 41.19 -9.60
CA THR B 25 -3.70 40.30 -9.73
C THR B 25 -2.57 40.68 -8.77
N LEU B 26 -1.91 39.67 -8.23
CA LEU B 26 -0.62 39.85 -7.58
C LEU B 26 0.46 39.06 -8.32
N HIS B 27 0.23 38.81 -9.61
CA HIS B 27 1.12 38.03 -10.46
C HIS B 27 1.29 36.60 -9.94
N GLU B 28 0.26 36.06 -9.30
CA GLU B 28 0.23 34.67 -8.86
C GLU B 28 0.26 33.70 -10.04
N GLY B 29 0.56 32.45 -9.74
CA GLY B 29 0.64 31.42 -10.74
C GLY B 29 1.99 31.43 -11.44
N ASN B 30 2.10 30.58 -12.46
CA ASN B 30 3.32 30.46 -13.26
C ASN B 30 4.52 30.11 -12.36
N THR B 31 4.31 29.15 -11.46
CA THR B 31 5.38 28.80 -10.54
C THR B 31 6.24 27.70 -11.14
N PRO B 32 7.47 27.55 -10.64
CA PRO B 32 8.40 26.59 -11.25
C PRO B 32 7.97 25.14 -11.06
N LEU B 33 8.28 24.34 -12.06
CA LEU B 33 8.22 22.89 -11.96
C LEU B 33 9.67 22.40 -12.00
N ILE B 34 10.18 21.95 -10.86
CA ILE B 34 11.60 21.76 -10.63
C ILE B 34 11.91 20.27 -10.61
N HIS B 35 12.75 19.84 -11.55
CA HIS B 35 13.20 18.46 -11.57
C HIS B 35 14.15 18.23 -10.41
N LEU B 36 13.97 17.10 -9.69
CA LEU B 36 14.83 16.74 -8.57
C LEU B 36 15.69 15.55 -8.98
N PRO B 37 16.83 15.77 -9.65
CA PRO B 37 17.57 14.62 -10.22
C PRO B 37 18.19 13.70 -9.17
N LYS B 38 18.64 14.23 -8.05
CA LYS B 38 19.22 13.39 -7.01
C LYS B 38 18.18 12.49 -6.38
N LEU B 39 17.06 13.06 -5.91
CA LEU B 39 15.97 12.24 -5.39
C LEU B 39 15.42 11.31 -6.45
N SER B 40 15.40 11.77 -7.71
CA SER B 40 14.90 10.95 -8.80
C SER B 40 15.74 9.69 -8.98
N GLU B 41 17.06 9.84 -8.94
CA GLU B 41 17.94 8.68 -9.10
C GLU B 41 17.90 7.79 -7.87
N GLN B 42 17.77 8.39 -6.68
CA GLN B 42 17.67 7.61 -5.45
C GLN B 42 16.40 6.79 -5.39
N LEU B 43 15.30 7.32 -5.93
CA LEU B 43 14.01 6.66 -5.87
C LEU B 43 13.70 5.82 -7.10
N GLY B 44 14.48 5.99 -8.17
CA GLY B 44 14.18 5.26 -9.39
C GLY B 44 12.93 5.74 -10.12
N ILE B 45 12.58 7.03 -9.96
CA ILE B 45 11.47 7.64 -10.67
C ILE B 45 11.92 8.99 -11.22
N GLU B 46 11.09 9.58 -12.08
CA GLU B 46 11.32 10.94 -12.55
C GLU B 46 10.44 11.87 -11.71
N LEU B 47 11.02 12.49 -10.69
CA LEU B 47 10.29 13.30 -9.72
C LEU B 47 10.52 14.79 -9.97
N HIS B 48 9.42 15.54 -10.12
CA HIS B 48 9.44 17.00 -10.16
C HIS B 48 8.60 17.56 -9.02
N VAL B 49 8.90 18.81 -8.60
CA VAL B 49 8.10 19.48 -7.57
C VAL B 49 7.52 20.77 -8.13
N LYS B 50 6.21 20.94 -7.98
CA LYS B 50 5.57 22.21 -8.29
C LYS B 50 5.70 23.08 -7.05
N THR B 51 6.55 24.11 -7.13
CA THR B 51 6.91 24.88 -5.94
C THR B 51 5.99 26.07 -5.88
N GLU B 52 4.85 25.89 -5.22
CA GLU B 52 3.85 26.93 -5.02
C GLU B 52 4.26 27.96 -3.96
N GLY B 53 5.37 27.74 -3.24
CA GLY B 53 5.89 28.74 -2.31
C GLY B 53 6.32 30.03 -2.98
N VAL B 54 6.49 30.00 -4.31
CA VAL B 54 6.86 31.19 -5.09
C VAL B 54 5.68 32.12 -5.34
N ASN B 55 4.45 31.68 -5.06
CA ASN B 55 3.29 32.57 -5.22
C ASN B 55 3.42 33.77 -4.28
N PRO B 56 2.70 34.87 -4.58
CA PRO B 56 2.96 36.13 -3.86
C PRO B 56 2.83 36.05 -2.35
N THR B 57 1.85 35.33 -1.80
CA THR B 57 1.81 35.18 -0.35
C THR B 57 2.41 33.86 0.10
N GLY B 58 3.12 33.16 -0.79
CA GLY B 58 3.91 32.02 -0.42
C GLY B 58 3.18 30.69 -0.38
N SER B 59 1.98 30.60 -0.95
CA SER B 59 1.29 29.31 -1.07
C SER B 59 0.38 29.32 -2.28
N PHE B 60 -0.10 28.11 -2.63
CA PHE B 60 -1.03 27.94 -3.74
C PHE B 60 -2.38 28.59 -3.49
N LYS B 61 -2.72 28.92 -2.24
CA LYS B 61 -4.00 29.58 -1.95
C LYS B 61 -4.21 30.84 -2.77
N ASP B 62 -3.12 31.51 -3.16
CA ASP B 62 -3.23 32.68 -4.04
C ASP B 62 -4.02 32.37 -5.31
N ARG B 63 -3.92 31.14 -5.83
CA ARG B 63 -4.61 30.80 -7.07
C ARG B 63 -6.12 30.91 -6.91
N GLY B 64 -6.66 30.33 -5.84
CA GLY B 64 -8.09 30.40 -5.60
C GLY B 64 -8.52 31.77 -5.14
N MET B 65 -7.67 32.40 -4.31
CA MET B 65 -8.06 33.65 -3.67
C MET B 65 -8.22 34.77 -4.68
N VAL B 66 -7.36 34.81 -5.71
CA VAL B 66 -7.49 35.91 -6.67
C VAL B 66 -8.81 35.80 -7.41
N MET B 67 -9.25 34.56 -7.69
CA MET B 67 -10.55 34.35 -8.31
C MET B 67 -11.67 34.67 -7.34
N ALA B 68 -11.60 34.13 -6.12
CA ALA B 68 -12.68 34.31 -5.16
C ALA B 68 -12.84 35.79 -4.80
N VAL B 69 -11.72 36.49 -4.59
CA VAL B 69 -11.83 37.89 -4.20
C VAL B 69 -12.36 38.73 -5.35
N ALA B 70 -11.91 38.45 -6.59
CA ALA B 70 -12.38 39.25 -7.72
C ALA B 70 -13.88 39.07 -7.95
N LYS B 71 -14.37 37.83 -7.87
CA LYS B 71 -15.79 37.58 -8.01
C LYS B 71 -16.56 38.22 -6.86
N ALA B 72 -16.03 38.12 -5.64
CA ALA B 72 -16.71 38.76 -4.52
C ALA B 72 -16.82 40.27 -4.73
N LYS B 73 -15.76 40.89 -5.25
CA LYS B 73 -15.86 42.30 -5.60
C LYS B 73 -16.85 42.53 -6.74
N GLU B 74 -16.75 41.71 -7.79
CA GLU B 74 -17.68 41.83 -8.91
C GLU B 74 -19.14 41.70 -8.45
N GLU B 75 -19.39 40.83 -7.47
CA GLU B 75 -20.73 40.64 -6.91
C GLU B 75 -21.17 41.80 -6.00
N GLY B 76 -20.32 42.78 -5.73
CA GLY B 76 -20.71 43.95 -4.95
C GLY B 76 -20.31 43.95 -3.49
N ASN B 77 -19.53 42.98 -3.03
CA ASN B 77 -19.14 42.94 -1.62
C ASN B 77 -18.03 43.93 -1.32
N ASP B 78 -18.00 44.39 -0.06
CA ASP B 78 -16.84 45.10 0.46
C ASP B 78 -16.13 44.33 1.56
N THR B 79 -16.58 43.12 1.90
CA THR B 79 -15.98 42.36 2.99
C THR B 79 -15.93 40.89 2.64
N ILE B 80 -14.77 40.26 2.90
CA ILE B 80 -14.64 38.81 2.77
C ILE B 80 -14.24 38.21 4.12
N MET B 81 -14.48 36.92 4.27
CA MET B 81 -14.20 36.23 5.51
C MET B 81 -13.76 34.81 5.18
N CYS B 82 -12.84 34.29 5.99
CA CYS B 82 -12.49 32.88 5.89
C CYS B 82 -12.00 32.39 7.25
N ALA B 83 -12.07 31.08 7.42
CA ALA B 83 -11.34 30.36 8.46
C ALA B 83 -10.07 29.79 7.83
N SER B 84 -9.02 29.66 8.64
CA SER B 84 -7.75 29.27 8.05
C SER B 84 -6.80 28.66 9.06
N THR B 85 -6.00 27.72 8.57
CA THR B 85 -4.78 27.29 9.23
C THR B 85 -3.61 28.22 8.92
N GLY B 86 -3.86 29.30 8.19
CA GLY B 86 -2.87 30.33 8.04
C GLY B 86 -2.61 30.79 6.62
N ASN B 87 -2.64 29.89 5.66
CA ASN B 87 -2.34 30.26 4.29
C ASN B 87 -3.54 30.82 3.56
N THR B 88 -4.73 30.30 3.83
CA THR B 88 -5.92 30.89 3.24
C THR B 88 -6.15 32.31 3.76
N SER B 89 -5.97 32.51 5.07
CA SER B 89 -6.12 33.83 5.65
C SER B 89 -5.06 34.81 5.13
N ALA B 90 -3.81 34.36 5.01
CA ALA B 90 -2.80 35.25 4.46
C ALA B 90 -3.12 35.64 3.02
N ALA B 91 -3.55 34.68 2.19
CA ALA B 91 -3.95 35.02 0.82
C ALA B 91 -5.15 35.95 0.80
N ALA B 92 -6.20 35.61 1.58
CA ALA B 92 -7.39 36.46 1.66
C ALA B 92 -7.04 37.89 2.05
N ALA B 93 -6.18 38.06 3.05
CA ALA B 93 -5.86 39.39 3.52
C ALA B 93 -5.10 40.19 2.48
N ALA B 94 -4.17 39.55 1.76
CA ALA B 94 -3.40 40.28 0.76
C ALA B 94 -4.28 40.69 -0.42
N TYR B 95 -5.10 39.77 -0.92
CA TYR B 95 -5.94 40.09 -2.05
C TYR B 95 -7.03 41.07 -1.66
N ALA B 96 -7.54 40.99 -0.43
CA ALA B 96 -8.48 42.01 0.04
C ALA B 96 -7.84 43.38 0.05
N ALA B 97 -6.64 43.48 0.63
CA ALA B 97 -5.91 44.74 0.64
C ALA B 97 -5.75 45.25 -0.78
N ARG B 98 -5.35 44.37 -1.69
CA ARG B 98 -5.16 44.78 -3.08
C ARG B 98 -6.48 45.20 -3.71
N ALA B 99 -7.58 44.58 -3.31
CA ALA B 99 -8.89 44.83 -3.91
C ALA B 99 -9.70 45.90 -3.18
N ASN B 100 -9.14 46.52 -2.14
CA ASN B 100 -9.84 47.57 -1.39
C ASN B 100 -11.05 47.01 -0.66
N MET B 101 -10.89 45.85 -0.07
CA MET B 101 -11.94 45.21 0.69
C MET B 101 -11.48 44.93 2.11
N LYS B 102 -12.45 44.77 2.99
CA LYS B 102 -12.16 44.36 4.35
C LYS B 102 -12.03 42.84 4.41
N CYS B 103 -11.14 42.37 5.29
CA CYS B 103 -10.89 40.96 5.45
C CYS B 103 -10.98 40.57 6.92
N ILE B 104 -11.87 39.65 7.24
CA ILE B 104 -11.99 39.06 8.57
C ILE B 104 -11.57 37.61 8.47
N VAL B 105 -10.68 37.18 9.35
CA VAL B 105 -10.22 35.80 9.36
C VAL B 105 -10.38 35.23 10.76
N ILE B 106 -10.78 33.96 10.85
CA ILE B 106 -10.90 33.26 12.11
C ILE B 106 -9.89 32.11 12.11
N ILE B 107 -9.00 32.10 13.09
CA ILE B 107 -7.88 31.15 13.08
C ILE B 107 -7.86 30.39 14.41
N PRO B 108 -7.34 29.16 14.43
CA PRO B 108 -7.27 28.40 15.69
C PRO B 108 -6.10 28.88 16.54
N ASN B 109 -6.40 29.30 17.77
CA ASN B 109 -5.38 29.88 18.63
C ASN B 109 -4.21 28.92 18.80
N GLY B 110 -3.00 29.43 18.64
CA GLY B 110 -1.82 28.63 18.80
C GLY B 110 -1.58 27.61 17.71
N LYS B 111 -2.39 27.56 16.66
CA LYS B 111 -2.25 26.46 15.71
C LYS B 111 -2.04 26.92 14.27
N ILE B 112 -1.56 28.14 14.05
CA ILE B 112 -1.13 28.53 12.71
C ILE B 112 0.33 28.97 12.78
N ALA B 113 1.07 28.71 11.70
CA ALA B 113 2.50 28.99 11.73
C ALA B 113 2.77 30.49 11.90
N PHE B 114 3.91 30.79 12.54
CA PHE B 114 4.22 32.16 12.92
C PHE B 114 4.33 33.08 11.71
N GLY B 115 4.87 32.58 10.60
CA GLY B 115 4.94 33.40 9.41
C GLY B 115 3.58 33.77 8.88
N LYS B 116 2.60 32.87 9.03
CA LYS B 116 1.27 33.15 8.51
C LYS B 116 0.56 34.18 9.36
N LEU B 117 0.80 34.15 10.67
CA LEU B 117 0.27 35.17 11.56
C LEU B 117 0.84 36.52 11.22
N ALA B 118 2.16 36.60 11.01
CA ALA B 118 2.78 37.85 10.60
C ALA B 118 2.12 38.39 9.33
N GLN B 119 1.89 37.52 8.34
CA GLN B 119 1.23 37.93 7.09
C GLN B 119 -0.16 38.49 7.34
N ALA B 120 -1.01 37.75 8.07
CA ALA B 120 -2.37 38.24 8.30
C ALA B 120 -2.34 39.60 8.98
N VAL B 121 -1.40 39.77 9.91
CA VAL B 121 -1.25 41.05 10.60
C VAL B 121 -0.74 42.13 9.64
N MET B 122 0.27 41.80 8.82
CA MET B 122 0.87 42.72 7.84
C MET B 122 0.09 42.78 6.53
N TYR B 123 -1.09 42.29 6.47
CA TYR B 123 -1.90 42.61 5.32
C TYR B 123 -3.11 43.40 5.75
N GLY B 124 -3.38 43.45 7.05
CA GLY B 124 -4.43 44.26 7.61
C GLY B 124 -5.72 43.53 7.85
N ALA B 125 -5.69 42.20 8.03
CA ALA B 125 -6.92 41.47 8.32
C ALA B 125 -7.38 41.74 9.74
N GLU B 126 -8.69 41.77 9.94
CA GLU B 126 -9.28 41.66 11.27
C GLU B 126 -9.19 40.20 11.69
N ILE B 127 -8.33 39.92 12.68
CA ILE B 127 -8.00 38.55 13.04
C ILE B 127 -8.74 38.18 14.30
N ILE B 128 -9.49 37.09 14.22
CA ILE B 128 -10.24 36.55 15.34
C ILE B 128 -9.67 35.16 15.66
N ALA B 129 -9.11 35.01 16.86
CA ALA B 129 -8.56 33.74 17.31
C ALA B 129 -9.56 33.06 18.22
N ILE B 130 -9.84 31.78 17.96
CA ILE B 130 -10.73 30.97 18.78
C ILE B 130 -9.94 29.86 19.46
N ASP B 131 -10.49 29.32 20.55
CA ASP B 131 -9.87 28.19 21.23
CA ASP B 131 -9.89 28.18 21.25
C ASP B 131 -10.07 26.89 20.47
N GLY B 132 -11.00 26.84 19.53
CA GLY B 132 -11.23 25.65 18.73
C GLY B 132 -10.23 25.54 17.59
N ASN B 133 -10.39 24.46 16.81
CA ASN B 133 -9.51 24.14 15.70
C ASN B 133 -10.08 24.68 14.38
N PHE B 134 -9.40 24.35 13.28
CA PHE B 134 -9.83 24.84 11.97
C PHE B 134 -11.27 24.42 11.69
N ASP B 135 -11.58 23.15 11.94
CA ASP B 135 -12.94 22.65 11.71
C ASP B 135 -13.98 23.49 12.44
N ASP B 136 -13.69 23.86 13.69
CA ASP B 136 -14.62 24.70 14.44
C ASP B 136 -14.73 26.08 13.81
N ALA B 137 -13.61 26.64 13.35
CA ALA B 137 -13.62 27.99 12.79
C ALA B 137 -14.42 28.04 11.48
N LEU B 138 -14.24 27.02 10.63
CA LEU B 138 -14.96 26.97 9.35
C LEU B 138 -16.46 26.87 9.57
N LYS B 139 -16.89 26.10 10.56
CA LYS B 139 -18.32 26.00 10.88
C LYS B 139 -18.88 27.38 11.22
N ILE B 140 -18.16 28.13 12.06
CA ILE B 140 -18.62 29.46 12.45
C ILE B 140 -18.63 30.39 11.24
N VAL B 141 -17.56 30.36 10.46
CA VAL B 141 -17.46 31.29 9.34
C VAL B 141 -18.58 31.03 8.33
N ARG B 142 -18.87 29.75 8.05
CA ARG B 142 -19.96 29.44 7.12
C ARG B 142 -21.30 29.90 7.67
N SER B 143 -21.51 29.69 8.97
CA SER B 143 -22.76 30.10 9.60
C SER B 143 -22.93 31.61 9.51
N ILE B 144 -21.87 32.37 9.80
CA ILE B 144 -21.96 33.82 9.77
C ILE B 144 -22.23 34.31 8.35
N CYS B 145 -21.58 33.72 7.37
CA CYS B 145 -21.70 34.23 6.01
C CYS B 145 -23.06 33.90 5.41
N GLU B 146 -23.78 32.92 5.95
CA GLU B 146 -25.17 32.70 5.58
C GLU B 146 -26.08 33.84 6.03
N LYS B 147 -25.67 34.62 7.05
CA LYS B 147 -26.56 35.57 7.71
C LYS B 147 -26.05 37.00 7.65
N SER B 148 -24.98 37.28 6.91
CA SER B 148 -24.27 38.55 6.91
C SER B 148 -23.96 38.97 5.49
N PRO B 149 -23.77 40.29 5.24
CA PRO B 149 -23.24 40.76 3.95
C PRO B 149 -21.72 40.67 3.88
N ILE B 150 -21.22 39.45 4.07
CA ILE B 150 -19.81 39.14 4.02
C ILE B 150 -19.65 37.94 3.11
N ALA B 151 -18.74 38.03 2.15
CA ALA B 151 -18.50 36.97 1.19
C ALA B 151 -17.58 35.91 1.76
N LEU B 152 -18.02 34.65 1.77
CA LEU B 152 -17.16 33.55 2.20
C LEU B 152 -16.09 33.24 1.14
N VAL B 153 -14.81 33.18 1.53
CA VAL B 153 -13.79 32.87 0.55
C VAL B 153 -13.05 31.58 0.90
N ASN B 154 -13.63 30.74 1.75
CA ASN B 154 -13.05 29.41 1.91
C ASN B 154 -13.31 28.60 0.63
N SER B 155 -12.69 27.43 0.57
CA SER B 155 -12.69 26.63 -0.67
C SER B 155 -14.06 26.05 -1.03
N VAL B 156 -15.05 26.12 -0.15
CA VAL B 156 -16.39 25.73 -0.55
C VAL B 156 -16.98 26.76 -1.52
N ASN B 157 -16.40 27.95 -1.58
CA ASN B 157 -16.66 28.90 -2.65
C ASN B 157 -16.14 28.28 -3.94
N PRO B 158 -17.00 27.96 -4.91
CA PRO B 158 -16.51 27.28 -6.12
C PRO B 158 -15.49 28.08 -6.91
N TYR B 159 -15.50 29.41 -6.80
CA TYR B 159 -14.50 30.17 -7.52
C TYR B 159 -13.09 29.86 -7.03
N ARG B 160 -12.94 29.41 -5.78
CA ARG B 160 -11.62 29.03 -5.28
C ARG B 160 -11.06 27.86 -6.08
N LEU B 161 -11.87 26.84 -6.31
CA LEU B 161 -11.37 25.69 -7.07
C LEU B 161 -11.12 26.05 -8.53
N GLU B 162 -11.89 26.99 -9.09
CA GLU B 162 -11.63 27.40 -10.47
C GLU B 162 -10.24 28.01 -10.62
N GLY B 163 -9.83 28.84 -9.66
CA GLY B 163 -8.48 29.37 -9.72
C GLY B 163 -7.42 28.30 -9.49
N GLN B 164 -7.65 27.41 -8.52
CA GLN B 164 -6.61 26.45 -8.14
C GLN B 164 -6.37 25.37 -9.20
N LYS B 165 -7.33 25.15 -10.10
CA LYS B 165 -7.16 24.16 -11.16
C LYS B 165 -6.14 24.60 -12.21
N THR B 166 -5.82 25.90 -12.28
CA THR B 166 -4.81 26.36 -13.23
C THR B 166 -3.46 25.70 -12.98
N ALA B 167 -3.19 25.28 -11.74
CA ALA B 167 -1.92 24.61 -11.44
C ALA B 167 -1.74 23.37 -12.31
N ALA B 168 -2.82 22.59 -12.49
CA ALA B 168 -2.72 21.43 -13.37
C ALA B 168 -2.43 21.84 -14.80
N PHE B 169 -3.03 22.95 -15.27
CA PHE B 169 -2.72 23.44 -16.61
C PHE B 169 -1.22 23.70 -16.75
N GLU B 170 -0.64 24.37 -15.76
CA GLU B 170 0.79 24.70 -15.82
C GLU B 170 1.63 23.43 -15.83
N VAL B 171 1.30 22.47 -14.96
CA VAL B 171 2.07 21.24 -14.91
C VAL B 171 2.12 20.56 -16.26
N CYS B 172 0.98 20.48 -16.96
CA CYS B 172 0.99 19.91 -18.31
C CYS B 172 1.86 20.76 -19.25
N GLU B 173 1.74 22.08 -19.17
CA GLU B 173 2.49 22.94 -20.09
C GLU B 173 3.99 22.86 -19.80
N GLN B 174 4.36 22.73 -18.53
CA GLN B 174 5.76 22.73 -18.14
C GLN B 174 6.41 21.37 -18.33
N LEU B 175 5.67 20.29 -18.09
CA LEU B 175 6.18 18.95 -18.35
C LEU B 175 6.14 18.58 -19.82
N GLY B 176 5.32 19.26 -20.61
CA GLY B 176 5.05 18.85 -21.97
C GLY B 176 4.05 17.73 -22.10
N GLU B 177 3.61 17.16 -20.99
CA GLU B 177 2.56 16.14 -20.95
C GLU B 177 2.02 16.10 -19.53
N ALA B 178 0.89 15.44 -19.35
CA ALA B 178 0.42 15.17 -18.00
C ALA B 178 1.31 14.12 -17.35
N PRO B 179 1.52 14.20 -16.03
CA PRO B 179 2.36 13.20 -15.35
C PRO B 179 1.59 11.90 -15.12
N ASP B 180 2.35 10.85 -14.79
CA ASP B 180 1.73 9.60 -14.36
C ASP B 180 1.01 9.79 -13.03
N VAL B 181 1.63 10.55 -12.13
CA VAL B 181 1.18 10.73 -10.77
C VAL B 181 1.23 12.21 -10.44
N LEU B 182 0.14 12.73 -9.86
CA LEU B 182 0.15 14.01 -9.17
C LEU B 182 0.05 13.68 -7.69
N ALA B 183 1.09 13.99 -6.93
CA ALA B 183 1.12 13.76 -5.50
C ALA B 183 0.92 15.09 -4.78
N ILE B 184 0.04 15.09 -3.79
CA ILE B 184 -0.43 16.37 -3.25
C ILE B 184 -0.85 16.19 -1.79
N PRO B 185 -0.60 17.17 -0.93
CA PRO B 185 -1.12 17.08 0.44
C PRO B 185 -2.63 17.28 0.42
N VAL B 186 -3.29 16.73 1.42
CA VAL B 186 -4.74 16.87 1.56
C VAL B 186 -5.02 17.40 2.96
N GLY B 187 -5.62 18.59 3.03
CA GLY B 187 -6.11 19.15 4.27
C GLY B 187 -7.62 19.24 4.23
N ASN B 188 -8.15 20.35 3.70
CA ASN B 188 -9.58 20.52 3.44
C ASN B 188 -10.00 19.90 2.12
N ALA B 189 -9.05 19.34 1.35
CA ALA B 189 -9.24 18.50 0.15
C ALA B 189 -9.67 19.27 -1.09
N GLY B 190 -9.68 20.60 -1.07
CA GLY B 190 -10.07 21.33 -2.25
C GLY B 190 -9.06 21.21 -3.38
N ASN B 191 -7.76 21.17 -3.03
CA ASN B 191 -6.71 21.29 -4.03
C ASN B 191 -6.62 20.03 -4.88
N ILE B 192 -6.66 18.85 -4.24
CA ILE B 192 -6.67 17.61 -5.01
C ILE B 192 -7.86 17.59 -5.96
N SER B 193 -9.00 18.13 -5.50
CA SER B 193 -10.18 18.21 -6.35
C SER B 193 -9.95 19.15 -7.53
N ALA B 194 -9.33 20.29 -7.26
CA ALA B 194 -9.08 21.28 -8.30
C ALA B 194 -8.12 20.74 -9.36
N TYR B 195 -7.01 20.13 -8.91
CA TYR B 195 -6.05 19.57 -9.88
C TYR B 195 -6.74 18.57 -10.80
N TRP B 196 -7.56 17.70 -10.22
CA TRP B 196 -8.26 16.70 -11.03
C TRP B 196 -9.19 17.36 -12.04
N LYS B 197 -9.97 18.36 -11.61
CA LYS B 197 -10.78 19.09 -12.58
C LYS B 197 -9.92 19.72 -13.66
N GLY B 198 -8.76 20.26 -13.27
CA GLY B 198 -7.86 20.84 -14.26
C GLY B 198 -7.36 19.82 -15.25
N PHE B 199 -6.98 18.63 -14.77
CA PHE B 199 -6.48 17.60 -15.67
C PHE B 199 -7.56 17.10 -16.62
N LYS B 200 -8.82 17.05 -16.15
CA LYS B 200 -9.89 16.56 -17.02
C LYS B 200 -10.21 17.59 -18.10
N GLU B 201 -10.24 18.88 -17.73
CA GLU B 201 -10.49 19.92 -18.73
C GLU B 201 -9.36 20.01 -19.74
N TYR B 202 -8.12 19.80 -19.30
CA TYR B 202 -7.01 19.83 -20.25
C TYR B 202 -7.01 18.60 -21.14
N HIS B 203 -7.35 17.44 -20.56
CA HIS B 203 -7.57 16.25 -21.38
C HIS B 203 -8.62 16.53 -22.45
N GLU B 204 -9.72 17.17 -22.05
CA GLU B 204 -10.80 17.41 -22.98
C GLU B 204 -10.39 18.38 -24.08
N LYS B 205 -9.74 19.48 -23.70
CA LYS B 205 -9.37 20.48 -24.70
C LYS B 205 -8.15 20.08 -25.50
N ASN B 206 -7.14 19.46 -24.86
CA ASN B 206 -5.82 19.33 -25.46
C ASN B 206 -5.33 17.89 -25.64
N GLY B 207 -6.03 16.90 -25.11
CA GLY B 207 -5.65 15.51 -25.32
C GLY B 207 -4.62 14.95 -24.36
N THR B 208 -4.24 15.70 -23.33
CA THR B 208 -3.30 15.18 -22.36
C THR B 208 -3.92 14.04 -21.56
N SER B 209 -3.08 13.16 -21.04
CA SER B 209 -3.54 11.98 -20.31
C SER B 209 -4.02 12.38 -18.92
N LEU B 210 -4.52 11.40 -18.16
CA LEU B 210 -5.09 11.66 -16.86
C LEU B 210 -4.21 11.07 -15.76
N PRO B 211 -3.55 11.90 -14.97
CA PRO B 211 -2.70 11.38 -13.89
C PRO B 211 -3.52 10.63 -12.85
N LYS B 212 -2.82 9.80 -12.08
CA LYS B 212 -3.37 9.21 -10.87
C LYS B 212 -3.23 10.23 -9.76
N MET B 213 -4.35 10.66 -9.18
CA MET B 213 -4.31 11.65 -8.11
C MET B 213 -3.98 10.94 -6.80
N ARG B 214 -2.87 11.31 -6.20
CA ARG B 214 -2.40 10.68 -4.97
C ARG B 214 -2.31 11.75 -3.90
N GLY B 215 -3.28 11.75 -3.01
CA GLY B 215 -3.34 12.71 -1.93
C GLY B 215 -2.85 12.09 -0.63
N PHE B 216 -2.36 12.94 0.26
CA PHE B 216 -1.78 12.47 1.51
C PHE B 216 -2.22 13.39 2.63
N GLU B 217 -3.06 12.86 3.53
CA GLU B 217 -3.33 13.54 4.78
C GLU B 217 -2.24 13.21 5.79
N ALA B 218 -2.15 14.03 6.83
CA ALA B 218 -1.33 13.67 7.97
C ALA B 218 -2.10 12.68 8.85
N GLU B 219 -1.37 11.69 9.38
CA GLU B 219 -1.98 10.56 10.09
C GLU B 219 -2.98 11.01 11.15
N GLY B 220 -2.58 11.95 12.01
CA GLY B 220 -3.43 12.46 13.07
C GLY B 220 -4.60 13.31 12.62
N SER B 221 -4.78 13.48 11.31
CA SER B 221 -5.87 14.26 10.73
C SER B 221 -6.42 13.55 9.50
N ALA B 222 -6.12 12.27 9.32
CA ALA B 222 -6.48 11.54 8.11
C ALA B 222 -7.93 11.07 8.15
N ALA B 223 -8.84 12.07 8.20
CA ALA B 223 -10.27 11.77 8.29
C ALA B 223 -10.76 11.00 7.08
N ILE B 224 -10.26 11.35 5.89
CA ILE B 224 -10.70 10.64 4.69
C ILE B 224 -10.19 9.20 4.71
N VAL B 225 -8.94 9.01 5.13
CA VAL B 225 -8.39 7.66 5.19
C VAL B 225 -9.15 6.83 6.21
N ARG B 226 -9.43 7.40 7.39
CA ARG B 226 -10.17 6.65 8.40
C ARG B 226 -11.64 6.48 8.04
N ASN B 227 -12.13 7.22 7.06
CA ASN B 227 -13.54 7.26 6.71
C ASN B 227 -14.41 7.71 7.88
N GLU B 228 -13.88 8.56 8.76
CA GLU B 228 -14.73 9.15 9.78
C GLU B 228 -14.19 10.53 10.14
N VAL B 229 -15.12 11.42 10.52
CA VAL B 229 -14.75 12.75 10.98
C VAL B 229 -13.84 12.63 12.18
N ILE B 230 -12.75 13.38 12.18
CA ILE B 230 -11.84 13.41 13.31
C ILE B 230 -12.14 14.66 14.11
N GLU B 231 -12.60 14.47 15.34
CA GLU B 231 -13.03 15.58 16.16
C GLU B 231 -11.87 16.31 16.80
N ASN B 232 -10.72 15.64 16.97
CA ASN B 232 -9.54 16.25 17.58
C ASN B 232 -8.32 16.00 16.70
N PRO B 233 -8.33 16.51 15.48
CA PRO B 233 -7.20 16.26 14.58
C PRO B 233 -5.92 16.85 15.14
N GLU B 234 -4.80 16.17 14.88
CA GLU B 234 -3.51 16.72 15.27
C GLU B 234 -2.46 16.40 14.22
N THR B 235 -1.40 17.23 14.22
CA THR B 235 -0.21 17.05 13.40
C THR B 235 0.66 18.27 13.59
N ILE B 236 1.97 18.05 13.61
CA ILE B 236 2.88 19.17 13.63
C ILE B 236 2.77 19.97 12.33
N ALA B 237 2.21 19.36 11.27
CA ALA B 237 2.00 20.05 10.00
C ALA B 237 0.66 20.79 10.05
N THR B 238 0.66 21.90 10.81
CA THR B 238 -0.58 22.58 11.18
C THR B 238 -1.35 23.13 9.99
N ALA B 239 -0.73 23.19 8.81
CA ALA B 239 -1.47 23.60 7.62
C ALA B 239 -2.60 22.62 7.31
N ILE B 240 -2.37 21.33 7.53
CA ILE B 240 -3.35 20.32 7.15
C ILE B 240 -3.97 19.66 8.39
N ARG B 241 -3.94 20.36 9.52
CA ARG B 241 -4.54 19.90 10.79
C ARG B 241 -6.06 20.12 10.73
N ILE B 242 -6.70 19.30 9.90
CA ILE B 242 -8.08 19.48 9.47
C ILE B 242 -8.78 18.13 9.51
N GLY B 243 -9.80 18.00 10.35
CA GLY B 243 -10.42 16.71 10.63
C GLY B 243 -11.79 16.46 10.01
N ASN B 244 -12.33 17.44 9.30
CA ASN B 244 -13.59 17.27 8.57
C ASN B 244 -13.51 17.99 7.23
N PRO B 245 -12.74 17.45 6.28
CA PRO B 245 -12.48 18.19 5.03
C PRO B 245 -13.76 18.51 4.27
N ALA B 246 -13.94 19.80 4.00
CA ALA B 246 -15.15 20.30 3.37
C ALA B 246 -15.31 19.83 1.93
N SER B 247 -14.24 19.41 1.26
CA SER B 247 -14.31 18.87 -0.09
C SER B 247 -14.09 17.36 -0.11
N TRP B 248 -14.34 16.70 1.02
CA TRP B 248 -14.24 15.26 1.21
C TRP B 248 -14.71 14.46 -0.01
N ASP B 249 -16.00 14.61 -0.37
CA ASP B 249 -16.57 13.82 -1.45
C ASP B 249 -15.91 14.12 -2.79
N LYS B 250 -15.66 15.40 -3.08
CA LYS B 250 -14.96 15.75 -4.32
C LYS B 250 -13.59 15.08 -4.38
N ALA B 251 -12.86 15.08 -3.27
CA ALA B 251 -11.53 14.46 -3.25
C ALA B 251 -11.64 12.97 -3.53
N VAL B 252 -12.58 12.29 -2.85
CA VAL B 252 -12.77 10.86 -3.06
C VAL B 252 -13.15 10.58 -4.51
N LYS B 253 -14.07 11.37 -5.06
CA LYS B 253 -14.42 11.22 -6.47
C LYS B 253 -13.20 11.39 -7.36
N ALA B 254 -12.32 12.34 -7.02
CA ALA B 254 -11.13 12.54 -7.84
C ALA B 254 -10.22 11.32 -7.79
N ALA B 255 -10.05 10.72 -6.61
CA ALA B 255 -9.19 9.53 -6.52
C ALA B 255 -9.78 8.36 -7.28
N GLU B 256 -11.09 8.12 -7.11
CA GLU B 256 -11.73 7.02 -7.82
C GLU B 256 -11.66 7.20 -9.32
N GLU B 257 -12.05 8.39 -9.81
CA GLU B 257 -12.09 8.62 -11.26
C GLU B 257 -10.72 8.54 -11.88
N SER B 258 -9.68 8.95 -11.15
CA SER B 258 -8.30 8.96 -11.65
C SER B 258 -7.55 7.67 -11.35
N ASN B 259 -8.21 6.68 -10.75
CA ASN B 259 -7.52 5.46 -10.32
C ASN B 259 -6.38 5.82 -9.39
N GLY B 260 -6.62 6.81 -8.55
CA GLY B 260 -5.71 7.29 -7.56
C GLY B 260 -6.05 6.77 -6.18
N LYS B 261 -5.71 7.57 -5.17
CA LYS B 261 -5.76 7.11 -3.79
C LYS B 261 -5.54 8.29 -2.86
N ILE B 262 -6.22 8.27 -1.72
CA ILE B 262 -5.92 9.18 -0.64
C ILE B 262 -5.36 8.35 0.51
N ASP B 263 -4.10 8.62 0.84
CA ASP B 263 -3.28 7.88 1.78
C ASP B 263 -2.92 8.79 2.93
N GLU B 264 -2.22 8.25 3.90
CA GLU B 264 -1.78 9.04 5.03
C GLU B 264 -0.29 8.84 5.21
N VAL B 265 0.36 9.84 5.81
CA VAL B 265 1.74 9.71 6.23
C VAL B 265 1.85 10.22 7.65
N THR B 266 2.79 9.67 8.40
CA THR B 266 3.00 10.06 9.78
C THR B 266 3.74 11.38 9.87
N ASP B 267 3.71 11.97 11.07
CA ASP B 267 4.45 13.20 11.29
C ASP B 267 5.94 12.96 11.14
N ASP B 268 6.43 11.82 11.64
CA ASP B 268 7.84 11.48 11.47
C ASP B 268 8.18 11.41 10.00
N GLU B 269 7.31 10.80 9.19
CA GLU B 269 7.55 10.74 7.75
C GLU B 269 7.54 12.14 7.14
N ILE B 270 6.66 13.01 7.64
CA ILE B 270 6.59 14.37 7.09
C ILE B 270 7.89 15.11 7.39
N LEU B 271 8.30 15.09 8.65
CA LEU B 271 9.53 15.79 9.05
C LEU B 271 10.75 15.25 8.30
N HIS B 272 10.76 13.95 7.98
CA HIS B 272 11.90 13.39 7.26
C HIS B 272 11.93 13.87 5.82
N ALA B 273 10.77 13.89 5.15
CA ALA B 273 10.71 14.43 3.81
C ALA B 273 11.08 15.91 3.81
N TYR B 274 10.58 16.63 4.82
CA TYR B 274 10.91 18.03 5.04
C TYR B 274 12.42 18.28 4.99
N GLN B 275 13.19 17.46 5.73
CA GLN B 275 14.63 17.63 5.73
C GLN B 275 15.26 17.10 4.46
N LEU B 276 14.69 16.04 3.90
CA LEU B 276 15.28 15.40 2.73
C LEU B 276 15.34 16.36 1.55
N ILE B 277 14.23 17.05 1.24
CA ILE B 277 14.27 17.89 0.05
C ILE B 277 15.17 19.11 0.28
N ALA B 278 15.22 19.64 1.50
CA ALA B 278 16.09 20.78 1.75
C ALA B 278 17.56 20.39 1.65
N ARG B 279 17.92 19.23 2.18
CA ARG B 279 19.32 18.77 2.22
C ARG B 279 19.78 18.29 0.86
N GLU B 280 18.95 17.52 0.15
CA GLU B 280 19.36 16.85 -1.06
C GLU B 280 19.21 17.70 -2.31
N GLU B 281 18.26 18.66 -2.31
CA GLU B 281 17.95 19.43 -3.51
C GLU B 281 17.96 20.94 -3.30
N GLY B 282 18.12 21.43 -2.07
CA GLY B 282 18.07 22.85 -1.82
C GLY B 282 16.68 23.45 -1.92
N VAL B 283 15.64 22.66 -1.64
CA VAL B 283 14.24 23.10 -1.77
C VAL B 283 13.61 23.06 -0.38
N PHE B 284 13.13 24.22 0.07
CA PHE B 284 12.58 24.42 1.40
C PHE B 284 11.07 24.64 1.27
N ALA B 285 10.30 23.69 1.79
CA ALA B 285 8.85 23.77 1.79
C ALA B 285 8.37 23.59 3.23
N GLU B 286 7.18 24.12 3.54
CA GLU B 286 6.68 23.99 4.90
C GLU B 286 6.26 22.54 5.16
N PRO B 287 6.19 22.13 6.43
CA PRO B 287 5.94 20.71 6.73
C PRO B 287 4.72 20.11 6.05
N GLY B 288 3.57 20.80 6.08
CA GLY B 288 2.39 20.21 5.49
C GLY B 288 2.54 19.93 4.01
N SER B 289 3.30 20.80 3.32
CA SER B 289 3.58 20.56 1.91
C SER B 289 4.37 19.27 1.72
N CYS B 290 5.29 18.99 2.63
CA CYS B 290 6.18 17.87 2.48
C CYS B 290 5.48 16.54 2.68
N ALA B 291 4.18 16.58 3.02
CA ALA B 291 3.39 15.37 3.01
C ALA B 291 3.34 14.77 1.61
N SER B 292 3.44 15.60 0.56
CA SER B 292 3.44 15.03 -0.78
C SER B 292 4.72 14.23 -1.04
N ILE B 293 5.85 14.73 -0.53
CA ILE B 293 7.12 14.04 -0.70
C ILE B 293 7.17 12.78 0.19
N ALA B 294 6.72 12.88 1.44
CA ALA B 294 6.62 11.68 2.27
C ALA B 294 5.74 10.65 1.58
N GLY B 295 4.67 11.11 0.93
CA GLY B 295 3.79 10.20 0.26
C GLY B 295 4.42 9.51 -0.93
N VAL B 296 5.25 10.24 -1.68
CA VAL B 296 5.97 9.62 -2.78
C VAL B 296 6.92 8.55 -2.27
N LEU B 297 7.66 8.85 -1.19
CA LEU B 297 8.59 7.89 -0.61
C LEU B 297 7.85 6.63 -0.15
N LYS B 298 6.72 6.82 0.52
CA LYS B 298 5.93 5.69 0.99
C LYS B 298 5.47 4.82 -0.16
N GLN B 299 4.97 5.41 -1.23
CA GLN B 299 4.33 4.63 -2.28
C GLN B 299 5.30 4.18 -3.37
N VAL B 300 6.49 4.76 -3.44
CA VAL B 300 7.55 4.17 -4.25
C VAL B 300 7.97 2.83 -3.66
N LYS B 301 8.21 2.82 -2.35
CA LYS B 301 8.57 1.60 -1.63
C LYS B 301 7.51 0.50 -1.83
N SER B 302 6.24 0.82 -1.63
CA SER B 302 5.18 -0.17 -1.74
C SER B 302 4.90 -0.55 -3.18
N GLY B 303 5.44 0.18 -4.14
CA GLY B 303 5.15 -0.11 -5.51
C GLY B 303 3.90 0.53 -6.04
N GLU B 304 3.16 1.25 -5.20
CA GLU B 304 2.00 1.98 -5.71
C GLU B 304 2.44 3.04 -6.71
N ILE B 305 3.62 3.60 -6.52
CA ILE B 305 4.27 4.37 -7.58
C ILE B 305 5.34 3.47 -8.20
N PRO B 306 5.09 2.93 -9.40
CA PRO B 306 6.08 2.04 -10.02
C PRO B 306 7.33 2.80 -10.47
N LYS B 307 8.43 2.06 -10.58
CA LYS B 307 9.68 2.65 -11.02
C LYS B 307 9.55 3.19 -12.43
N GLY B 308 10.19 4.33 -12.70
CA GLY B 308 10.08 4.95 -13.99
C GLY B 308 8.88 5.88 -14.14
N SER B 309 8.04 5.99 -13.11
CA SER B 309 6.90 6.90 -13.16
C SER B 309 7.36 8.35 -13.22
N LYS B 310 6.63 9.16 -13.99
CA LYS B 310 6.83 10.60 -13.96
C LYS B 310 5.89 11.18 -12.91
N VAL B 311 6.47 11.62 -11.80
CA VAL B 311 5.73 12.04 -10.60
C VAL B 311 5.94 13.54 -10.40
N VAL B 312 4.83 14.28 -10.26
CA VAL B 312 4.85 15.68 -9.86
C VAL B 312 4.26 15.76 -8.46
N ALA B 313 5.09 16.15 -7.49
CA ALA B 313 4.65 16.40 -6.12
C ALA B 313 4.46 17.89 -5.93
N VAL B 314 3.32 18.28 -5.36
CA VAL B 314 3.01 19.67 -5.09
C VAL B 314 3.59 20.07 -3.74
N LEU B 315 4.51 21.04 -3.74
CA LEU B 315 4.96 21.67 -2.50
C LEU B 315 4.14 22.94 -2.34
N THR B 316 3.15 22.87 -1.47
CA THR B 316 2.06 23.84 -1.43
C THR B 316 2.43 25.17 -0.77
N GLY B 317 3.44 25.18 0.10
CA GLY B 317 3.75 26.35 0.88
C GLY B 317 5.24 26.55 1.08
N ASN B 318 5.64 27.80 1.12
CA ASN B 318 7.02 28.19 1.36
C ASN B 318 7.50 27.71 2.73
N GLY B 319 8.76 27.26 2.80
CA GLY B 319 9.34 26.89 4.10
C GLY B 319 9.45 28.04 5.08
N LEU B 320 9.54 29.27 4.57
CA LEU B 320 9.61 30.41 5.48
C LEU B 320 8.29 30.68 6.20
N LYS B 321 7.22 29.99 5.82
CA LYS B 321 5.95 30.16 6.52
C LYS B 321 6.05 29.72 7.98
N ASP B 322 6.93 28.78 8.26
CA ASP B 322 6.95 28.07 9.54
C ASP B 322 8.40 28.01 10.04
N PRO B 323 8.93 29.15 10.49
CA PRO B 323 10.33 29.13 10.96
C PRO B 323 10.52 28.21 12.15
N ASN B 324 9.49 28.04 12.97
CA ASN B 324 9.69 27.38 14.25
C ASN B 324 9.95 25.88 14.10
N THR B 325 9.29 25.22 13.14
CA THR B 325 9.62 23.82 12.90
C THR B 325 11.07 23.66 12.43
N ALA B 326 11.54 24.54 11.53
CA ALA B 326 12.92 24.46 11.06
C ALA B 326 13.91 24.69 12.20
N VAL B 327 13.65 25.69 13.05
CA VAL B 327 14.48 25.89 14.23
C VAL B 327 14.45 24.66 15.14
N ASP B 328 13.26 24.12 15.39
CA ASP B 328 13.11 23.00 16.33
C ASP B 328 13.90 21.78 15.89
N ILE B 329 13.73 21.32 14.65
CA ILE B 329 14.32 20.05 14.26
C ILE B 329 15.77 20.19 13.79
N SER B 330 16.26 21.40 13.60
CA SER B 330 17.63 21.61 13.15
C SER B 330 18.49 22.07 14.33
N GLU B 331 18.44 21.27 15.39
CA GLU B 331 19.28 21.52 16.56
C GLU B 331 20.72 21.70 16.12
N ILE B 332 21.17 22.95 16.10
CA ILE B 332 22.56 23.24 15.81
C ILE B 332 23.18 23.82 17.07
N LYS B 333 24.23 23.16 17.55
CA LYS B 333 25.00 23.58 18.72
C LYS B 333 26.44 23.72 18.23
N PRO B 334 26.70 24.68 17.33
CA PRO B 334 27.94 24.67 16.56
C PRO B 334 29.18 24.50 17.42
N VAL B 335 30.09 23.67 16.94
CA VAL B 335 31.40 23.56 17.56
C VAL B 335 32.10 24.92 17.50
N THR B 336 32.76 25.30 18.58
CA THR B 336 33.57 26.52 18.61
C THR B 336 35.03 26.14 18.42
N LEU B 337 35.64 26.64 17.34
CA LEU B 337 36.99 26.20 17.00
C LEU B 337 37.96 27.37 17.10
N PRO B 338 39.26 27.09 17.34
CA PRO B 338 40.24 28.16 17.25
C PRO B 338 40.27 28.73 15.84
N THR B 339 40.70 29.99 15.74
CA THR B 339 40.78 30.66 14.44
C THR B 339 42.07 30.21 13.78
N ASN B 340 42.00 29.03 13.16
CA ASN B 340 43.17 28.35 12.63
C ASN B 340 42.72 27.51 11.46
N GLU B 341 43.43 27.64 10.33
CA GLU B 341 43.05 26.91 9.12
C GLU B 341 43.10 25.41 9.34
N ASP B 342 44.14 24.91 10.01
CA ASP B 342 44.26 23.48 10.23
C ASP B 342 43.19 22.97 11.19
N SER B 343 42.94 23.71 12.28
CA SER B 343 41.85 23.35 13.19
C SER B 343 40.53 23.15 12.44
N ILE B 344 40.14 24.15 11.65
CA ILE B 344 38.85 24.10 10.97
C ILE B 344 38.85 23.04 9.87
N LEU B 345 39.92 22.99 9.08
CA LEU B 345 39.95 22.00 7.99
C LEU B 345 39.96 20.58 8.54
N GLU B 346 40.68 20.35 9.63
CA GLU B 346 40.76 19.00 10.18
C GLU B 346 39.42 18.58 10.79
N TYR B 347 38.71 19.49 11.46
CA TYR B 347 37.42 19.15 12.04
C TYR B 347 36.45 18.63 10.98
N VAL B 348 36.40 19.28 9.83
CA VAL B 348 35.62 18.79 8.69
C VAL B 348 36.04 17.37 8.30
#